data_4IPN
#
_entry.id   4IPN
#
_cell.length_a   184.030
_cell.length_b   66.650
_cell.length_c   133.350
_cell.angle_alpha   90.00
_cell.angle_beta   136.33
_cell.angle_gamma   90.00
#
_symmetry.space_group_name_H-M   'C 1 2 1'
#
loop_
_entity.id
_entity.type
_entity.pdbx_description
1 polymer 6-phospho-beta-glucosidase
2 branched 6-O-phosphono-alpha-L-idopyranose-(1-4)-4-thio-beta-D-glucopyranose
3 water water
#
_entity_poly.entity_id   1
_entity_poly.type   'polypeptide(L)'
_entity_poly.pdbx_seq_one_letter_code
;HHHHHHSSGLVPRGSHMTIFPDDFLWGGAVAANQVEGAYNEDGKGLSVQDVLPKGGLGEATENPTEDNLKLIGIDFYHKY
KEDISLFSEMGFNVFRTSIAWSRIFPKGDEEEPNEAGLKYYDELFDELHAHGIEPLVTLSHYETPLYLARKYHGWVDRRM
IHFYEKFARTVLERYKDKVKYWLTFNEVNSVLELPFTSGGIDIPKENLSKQELYQAIHHELVASSLVTKIAREINSEFKV
GCMVLAMPAYPMTPNPKDVWATHEYENLNYLFSDVHVRGYYPNYAKRYFKENDINIEFAAEDAELLKNYTVDFLSFSYYM
SVTQSALPTQYNSGEGNIIGGLVNPYLESSEWGWQIDPIGLRIILNRYYDRYQIPLFIVENGLGAKDQLIKDELNNLTVQ
DDYRIQYMKEHLLQVAEALQDGVEIMGYTSWGCIDCVSMSTAQLSKRYGLIYVDRNDDGSGTLNRYKKMSFTWYKEVIES
NGESLFK
;
_entity_poly.pdbx_strand_id   B,E
#
loop_
_chem_comp.id
_chem_comp.type
_chem_comp.name
_chem_comp.formula
RTG L-saccharide, alpha linking 6-O-phosphono-alpha-L-idopyranose 'C6 H13 O9 P'
SGC D-saccharide, beta linking 4-thio-beta-D-glucopyranose 'C6 H12 O5 S'
#
# COMPACT_ATOMS: atom_id res chain seq x y z
N THR A 18 1.68 -26.89 -10.66
CA THR A 18 0.44 -26.21 -11.04
C THR A 18 0.44 -24.77 -10.55
N ILE A 19 0.14 -23.84 -11.44
CA ILE A 19 0.11 -22.42 -11.11
C ILE A 19 -1.08 -22.05 -10.22
N PHE A 20 -2.26 -22.55 -10.57
CA PHE A 20 -3.44 -22.28 -9.75
C PHE A 20 -3.47 -23.29 -8.62
N PRO A 21 -3.82 -22.83 -7.39
CA PRO A 21 -3.92 -23.74 -6.25
C PRO A 21 -5.05 -24.78 -6.36
N ASP A 22 -4.75 -26.02 -5.99
CA ASP A 22 -5.71 -27.11 -6.16
C ASP A 22 -7.05 -26.77 -5.53
N ASP A 23 -7.04 -25.84 -4.58
CA ASP A 23 -8.23 -25.41 -3.85
C ASP A 23 -8.92 -24.19 -4.49
N PHE A 24 -8.44 -23.78 -5.66
CA PHE A 24 -9.03 -22.64 -6.37
C PHE A 24 -10.49 -22.86 -6.75
N LEU A 25 -11.33 -21.86 -6.46
CA LEU A 25 -12.75 -21.92 -6.76
C LEU A 25 -13.04 -21.29 -8.13
N TRP A 26 -13.42 -22.11 -9.10
CA TRP A 26 -13.79 -21.63 -10.42
C TRP A 26 -15.31 -21.57 -10.51
N GLY A 27 -15.84 -20.56 -11.19
CA GLY A 27 -17.29 -20.48 -11.30
C GLY A 27 -17.86 -19.27 -12.00
N GLY A 28 -19.09 -18.95 -11.64
CA GLY A 28 -19.81 -17.88 -12.30
C GLY A 28 -20.64 -17.17 -11.26
N ALA A 29 -21.11 -15.98 -11.61
CA ALA A 29 -21.76 -15.10 -10.66
C ALA A 29 -22.98 -14.44 -11.28
N VAL A 30 -24.05 -14.35 -10.51
CA VAL A 30 -25.21 -13.57 -10.90
C VAL A 30 -25.72 -12.87 -9.66
N ALA A 31 -26.68 -11.96 -9.84
CA ALA A 31 -27.48 -11.48 -8.72
C ALA A 31 -28.89 -12.04 -8.89
N ALA A 32 -29.61 -12.22 -7.80
CA ALA A 32 -30.92 -12.86 -7.87
C ALA A 32 -31.88 -12.14 -8.80
N ASN A 33 -32.02 -10.83 -8.60
CA ASN A 33 -32.98 -10.07 -9.39
C ASN A 33 -32.66 -10.02 -10.88
N GLN A 34 -31.47 -10.45 -11.27
CA GLN A 34 -31.11 -10.33 -12.68
C GLN A 34 -31.35 -11.64 -13.43
N VAL A 35 -31.75 -12.67 -12.69
CA VAL A 35 -32.06 -13.98 -13.29
C VAL A 35 -33.42 -14.55 -12.88
N GLU A 36 -33.62 -14.69 -11.57
CA GLU A 36 -34.76 -15.39 -11.00
C GLU A 36 -36.12 -15.15 -11.65
N GLY A 37 -36.63 -13.93 -11.55
CA GLY A 37 -38.01 -13.68 -11.95
C GLY A 37 -38.94 -14.16 -10.87
N ALA A 38 -40.20 -14.42 -11.21
CA ALA A 38 -41.15 -14.92 -10.24
C ALA A 38 -41.33 -13.85 -9.16
N TYR A 39 -41.39 -12.60 -9.60
CA TYR A 39 -41.33 -11.45 -8.70
C TYR A 39 -42.47 -11.41 -7.68
N ASN A 40 -43.65 -11.89 -8.09
CA ASN A 40 -44.83 -11.88 -7.22
C ASN A 40 -45.13 -13.21 -6.55
N GLU A 41 -44.34 -14.24 -6.86
CA GLU A 41 -44.66 -15.59 -6.43
C GLU A 41 -44.30 -15.93 -4.99
N ASP A 42 -44.99 -16.92 -4.45
CA ASP A 42 -44.59 -17.54 -3.19
C ASP A 42 -44.31 -16.54 -2.08
N GLY A 43 -45.04 -15.43 -2.08
CA GLY A 43 -44.93 -14.45 -1.02
C GLY A 43 -43.90 -13.34 -1.20
N LYS A 44 -43.15 -13.39 -2.30
CA LYS A 44 -42.16 -12.36 -2.56
C LYS A 44 -42.74 -10.95 -2.59
N GLY A 45 -42.16 -10.06 -1.78
CA GLY A 45 -42.54 -8.65 -1.82
C GLY A 45 -41.80 -7.97 -2.96
N LEU A 46 -42.29 -6.82 -3.38
CA LEU A 46 -41.59 -6.02 -4.39
C LEU A 46 -40.22 -5.57 -3.89
N SER A 47 -39.24 -5.55 -4.80
CA SER A 47 -37.95 -4.93 -4.49
C SER A 47 -37.88 -3.61 -5.24
N VAL A 48 -36.77 -2.92 -5.09
CA VAL A 48 -36.57 -1.66 -5.79
C VAL A 48 -36.35 -1.93 -7.27
N GLN A 49 -35.87 -3.12 -7.58
CA GLN A 49 -35.66 -3.54 -8.95
C GLN A 49 -36.97 -3.69 -9.73
N ASP A 50 -38.01 -4.16 -9.06
CA ASP A 50 -39.29 -4.41 -9.72
C ASP A 50 -39.97 -3.11 -10.16
N VAL A 51 -39.50 -1.99 -9.63
CA VAL A 51 -39.90 -0.64 -10.06
C VAL A 51 -38.90 0.04 -10.99
N LEU A 52 -37.90 -0.71 -11.45
CA LEU A 52 -36.81 -0.14 -12.26
C LEU A 52 -36.75 -0.75 -13.66
N PRO A 53 -37.71 -0.36 -14.51
CA PRO A 53 -37.87 -0.89 -15.87
C PRO A 53 -36.71 -0.46 -16.78
N LYS A 54 -36.16 0.70 -16.46
CA LYS A 54 -34.99 1.25 -17.16
C LYS A 54 -33.63 1.05 -16.45
N GLY A 55 -33.65 0.42 -15.28
CA GLY A 55 -32.42 0.06 -14.60
C GLY A 55 -31.89 1.08 -13.63
N GLY A 56 -30.66 0.88 -13.15
CA GLY A 56 -30.01 1.81 -12.23
C GLY A 56 -30.04 3.24 -12.72
N LEU A 57 -29.80 3.42 -14.02
CA LEU A 57 -29.71 4.76 -14.61
C LEU A 57 -31.09 5.35 -14.95
N GLY A 58 -32.12 4.52 -14.97
CA GLY A 58 -33.46 4.98 -15.30
C GLY A 58 -34.27 5.43 -14.11
N GLU A 59 -35.38 6.12 -14.37
CA GLU A 59 -36.26 6.59 -13.31
C GLU A 59 -37.05 5.41 -12.73
N ALA A 60 -37.88 5.69 -11.74
CA ALA A 60 -38.68 4.65 -11.11
C ALA A 60 -40.16 4.82 -11.46
N THR A 61 -40.90 3.71 -11.47
CA THR A 61 -42.34 3.73 -11.69
C THR A 61 -43.08 3.53 -10.37
N GLU A 62 -44.17 4.26 -10.16
CA GLU A 62 -44.91 4.14 -8.91
C GLU A 62 -45.24 2.70 -8.59
N ASN A 63 -45.56 1.92 -9.62
CA ASN A 63 -45.80 0.50 -9.45
C ASN A 63 -45.08 -0.28 -10.55
N PRO A 64 -44.87 -1.58 -10.34
CA PRO A 64 -44.18 -2.34 -11.39
C PRO A 64 -44.90 -2.23 -12.73
N THR A 65 -44.17 -2.43 -13.83
CA THR A 65 -44.80 -2.42 -15.15
C THR A 65 -44.23 -3.52 -16.05
N GLU A 66 -45.03 -3.92 -17.03
CA GLU A 66 -44.74 -5.09 -17.87
C GLU A 66 -43.43 -4.98 -18.67
N ASP A 67 -43.07 -3.76 -19.06
CA ASP A 67 -41.83 -3.55 -19.80
C ASP A 67 -40.58 -3.84 -18.97
N ASN A 68 -40.76 -4.10 -17.68
CA ASN A 68 -39.63 -4.44 -16.80
C ASN A 68 -39.28 -5.91 -16.94
N LEU A 69 -38.06 -6.18 -17.42
CA LEU A 69 -37.66 -7.53 -17.80
C LEU A 69 -37.36 -8.40 -16.60
N LYS A 70 -37.28 -7.79 -15.43
CA LYS A 70 -36.86 -8.51 -14.24
C LYS A 70 -38.03 -9.22 -13.58
N LEU A 71 -39.25 -8.92 -14.03
CA LEU A 71 -40.42 -9.62 -13.50
C LEU A 71 -40.32 -11.08 -13.87
N ILE A 72 -40.05 -11.33 -15.15
CA ILE A 72 -39.77 -12.69 -15.62
C ILE A 72 -38.31 -13.10 -15.43
N GLY A 73 -37.39 -12.17 -15.69
CA GLY A 73 -35.97 -12.47 -15.63
C GLY A 73 -35.57 -13.43 -16.73
N ILE A 74 -34.68 -14.38 -16.44
CA ILE A 74 -34.55 -15.58 -17.27
C ILE A 74 -35.34 -16.78 -16.73
N ASP A 75 -36.16 -16.54 -15.71
CA ASP A 75 -36.96 -17.57 -15.09
C ASP A 75 -36.11 -18.60 -14.35
N PHE A 76 -35.01 -18.12 -13.78
CA PHE A 76 -34.12 -18.96 -13.01
C PHE A 76 -34.81 -19.57 -11.80
N TYR A 77 -35.76 -18.82 -11.23
CA TYR A 77 -36.48 -19.30 -10.06
C TYR A 77 -37.08 -20.69 -10.28
N HIS A 78 -37.67 -20.91 -11.46
CA HIS A 78 -38.17 -22.22 -11.86
C HIS A 78 -37.16 -23.18 -12.52
N LYS A 79 -36.22 -22.61 -13.28
CA LYS A 79 -35.33 -23.37 -14.19
C LYS A 79 -33.96 -23.69 -13.60
N TYR A 80 -33.77 -23.33 -12.33
CA TYR A 80 -32.45 -23.43 -11.74
C TYR A 80 -31.86 -24.83 -11.87
N LYS A 81 -32.71 -25.85 -11.95
CA LYS A 81 -32.21 -27.23 -11.96
C LYS A 81 -31.45 -27.54 -13.26
N GLU A 82 -32.06 -27.23 -14.39
CA GLU A 82 -31.36 -27.35 -15.67
C GLU A 82 -30.16 -26.40 -15.74
N ASP A 83 -30.38 -25.13 -15.38
CA ASP A 83 -29.28 -24.18 -15.50
C ASP A 83 -28.05 -24.71 -14.74
N ILE A 84 -28.28 -25.06 -13.48
CA ILE A 84 -27.28 -25.67 -12.61
C ILE A 84 -26.66 -26.93 -13.20
N SER A 85 -27.43 -27.67 -13.96
CA SER A 85 -26.85 -28.82 -14.66
C SER A 85 -25.81 -28.35 -15.67
N LEU A 86 -26.09 -27.25 -16.37
CA LEU A 86 -25.08 -26.67 -17.27
C LEU A 86 -23.82 -26.14 -16.53
N PHE A 87 -24.04 -25.49 -15.39
CA PHE A 87 -22.88 -25.11 -14.56
C PHE A 87 -22.07 -26.36 -14.28
N SER A 88 -22.71 -27.41 -13.75
CA SER A 88 -21.99 -28.65 -13.50
C SER A 88 -21.25 -29.13 -14.75
N GLU A 89 -21.81 -28.80 -15.91
CA GLU A 89 -21.23 -29.24 -17.17
C GLU A 89 -19.91 -28.52 -17.44
N MET A 90 -19.83 -27.24 -17.07
CA MET A 90 -18.54 -26.52 -17.17
C MET A 90 -17.55 -26.92 -16.09
N GLY A 91 -18.07 -27.42 -14.97
CA GLY A 91 -17.24 -27.85 -13.87
C GLY A 91 -17.19 -26.90 -12.69
N PHE A 92 -18.09 -25.93 -12.66
CA PHE A 92 -18.06 -24.96 -11.58
C PHE A 92 -17.95 -25.70 -10.27
N ASN A 93 -16.96 -25.34 -9.45
CA ASN A 93 -16.97 -25.78 -8.06
C ASN A 93 -17.49 -24.68 -7.14
N VAL A 94 -17.85 -23.56 -7.73
CA VAL A 94 -18.46 -22.45 -6.97
C VAL A 94 -19.49 -21.73 -7.83
N PHE A 95 -20.52 -21.21 -7.19
CA PHE A 95 -21.49 -20.39 -7.89
C PHE A 95 -21.90 -19.26 -6.97
N ARG A 96 -21.79 -18.03 -7.47
CA ARG A 96 -22.16 -16.87 -6.68
C ARG A 96 -23.55 -16.38 -7.05
N THR A 97 -24.34 -16.09 -6.04
CA THR A 97 -25.61 -15.45 -6.27
C THR A 97 -26.01 -14.74 -4.99
N SER A 98 -27.13 -14.06 -5.03
CA SER A 98 -27.62 -13.39 -3.84
C SER A 98 -28.88 -14.06 -3.35
N ILE A 99 -29.11 -13.99 -2.04
CA ILE A 99 -30.40 -14.37 -1.50
C ILE A 99 -31.25 -13.13 -1.54
N ALA A 100 -32.34 -13.17 -2.30
CA ALA A 100 -33.16 -11.98 -2.46
C ALA A 100 -33.85 -11.65 -1.14
N TRP A 101 -33.58 -10.45 -0.65
CA TRP A 101 -34.04 -9.97 0.64
C TRP A 101 -35.56 -10.00 0.78
N SER A 102 -36.27 -9.70 -0.31
CA SER A 102 -37.72 -9.57 -0.24
C SER A 102 -38.49 -10.89 -0.29
N ARG A 103 -37.83 -11.96 -0.72
CA ARG A 103 -38.48 -13.27 -0.71
C ARG A 103 -38.47 -13.78 0.70
N ILE A 104 -37.63 -13.17 1.54
CA ILE A 104 -37.50 -13.55 2.94
C ILE A 104 -38.35 -12.64 3.81
N PHE A 105 -38.09 -11.34 3.73
CA PHE A 105 -38.93 -10.36 4.41
C PHE A 105 -39.55 -9.39 3.41
N PRO A 106 -40.74 -9.73 2.92
CA PRO A 106 -41.43 -9.03 1.83
C PRO A 106 -41.57 -7.51 2.02
N LYS A 107 -42.08 -7.08 3.18
CA LYS A 107 -42.08 -5.67 3.54
C LYS A 107 -40.73 -5.31 4.14
N GLY A 108 -40.14 -6.31 4.79
CA GLY A 108 -38.88 -6.16 5.49
C GLY A 108 -39.03 -6.04 7.00
N ASP A 109 -40.20 -5.59 7.45
CA ASP A 109 -40.42 -5.41 8.89
C ASP A 109 -41.18 -6.55 9.59
N GLU A 110 -41.49 -7.63 8.86
CA GLU A 110 -42.16 -8.78 9.47
C GLU A 110 -41.40 -9.35 10.67
N GLU A 111 -42.11 -9.67 11.75
CA GLU A 111 -41.52 -10.34 12.90
C GLU A 111 -40.98 -11.72 12.52
N GLU A 112 -41.61 -12.32 11.52
CA GLU A 112 -41.27 -13.68 11.10
C GLU A 112 -40.90 -13.75 9.62
N PRO A 113 -39.91 -14.58 9.30
CA PRO A 113 -39.47 -14.83 7.92
C PRO A 113 -40.55 -15.51 7.08
N ASN A 114 -40.48 -15.30 5.77
CA ASN A 114 -41.31 -16.03 4.83
C ASN A 114 -40.69 -17.40 4.59
N GLU A 115 -41.42 -18.46 4.91
CA GLU A 115 -40.87 -19.81 4.89
C GLU A 115 -40.72 -20.40 3.50
N ALA A 116 -41.68 -20.12 2.62
CA ALA A 116 -41.56 -20.57 1.25
C ALA A 116 -40.27 -19.98 0.66
N GLY A 117 -40.03 -18.70 0.96
CA GLY A 117 -38.80 -18.04 0.54
C GLY A 117 -37.54 -18.78 0.99
N LEU A 118 -37.51 -19.18 2.26
CA LEU A 118 -36.38 -19.93 2.82
C LEU A 118 -36.21 -21.30 2.17
N LYS A 119 -37.35 -21.95 1.88
CA LYS A 119 -37.34 -23.28 1.31
C LYS A 119 -36.82 -23.28 -0.12
N TYR A 120 -37.25 -22.32 -0.93
CA TYR A 120 -36.64 -22.14 -2.24
C TYR A 120 -35.11 -22.17 -2.19
N TYR A 121 -34.51 -21.45 -1.24
CA TYR A 121 -33.05 -21.37 -1.21
C TYR A 121 -32.43 -22.63 -0.62
N ASP A 122 -33.17 -23.30 0.27
CA ASP A 122 -32.76 -24.62 0.71
C ASP A 122 -32.61 -25.50 -0.54
N GLU A 123 -33.57 -25.38 -1.45
CA GLU A 123 -33.58 -26.25 -2.63
C GLU A 123 -32.43 -25.89 -3.57
N LEU A 124 -32.29 -24.60 -3.87
CA LEU A 124 -31.18 -24.11 -4.68
C LEU A 124 -29.82 -24.63 -4.16
N PHE A 125 -29.52 -24.34 -2.90
CA PHE A 125 -28.24 -24.74 -2.33
C PHE A 125 -28.08 -26.27 -2.37
N ASP A 126 -29.19 -26.98 -2.14
CA ASP A 126 -29.18 -28.45 -2.26
C ASP A 126 -28.79 -28.97 -3.65
N GLU A 127 -29.40 -28.42 -4.71
CA GLU A 127 -29.01 -28.75 -6.08
C GLU A 127 -27.53 -28.45 -6.34
N LEU A 128 -27.11 -27.27 -5.90
CA LEU A 128 -25.72 -26.86 -6.05
C LEU A 128 -24.80 -27.89 -5.45
N HIS A 129 -24.98 -28.16 -4.15
CA HIS A 129 -24.12 -29.12 -3.45
C HIS A 129 -24.23 -30.50 -4.06
N ALA A 130 -25.39 -30.80 -4.64
CA ALA A 130 -25.60 -32.08 -5.29
C ALA A 130 -24.67 -32.20 -6.50
N HIS A 131 -24.35 -31.07 -7.12
CA HIS A 131 -23.43 -31.15 -8.27
C HIS A 131 -21.96 -30.86 -7.94
N GLY A 132 -21.66 -30.64 -6.66
CA GLY A 132 -20.29 -30.37 -6.22
C GLY A 132 -19.94 -28.88 -6.25
N ILE A 133 -20.95 -28.05 -6.09
CA ILE A 133 -20.83 -26.61 -6.23
C ILE A 133 -21.06 -25.86 -4.93
N GLU A 134 -20.02 -25.23 -4.41
CA GLU A 134 -20.10 -24.35 -3.26
C GLU A 134 -20.78 -23.03 -3.61
N PRO A 135 -21.92 -22.76 -2.98
CA PRO A 135 -22.51 -21.43 -3.14
C PRO A 135 -21.68 -20.31 -2.49
N LEU A 136 -21.80 -19.12 -3.04
CA LEU A 136 -21.21 -17.90 -2.48
C LEU A 136 -22.36 -16.90 -2.50
N VAL A 137 -22.73 -16.41 -1.33
CA VAL A 137 -23.96 -15.64 -1.21
C VAL A 137 -23.74 -14.17 -0.90
N THR A 138 -24.27 -13.30 -1.74
CA THR A 138 -24.27 -11.89 -1.45
C THR A 138 -25.52 -11.63 -0.63
N LEU A 139 -25.38 -11.05 0.55
CA LEU A 139 -26.58 -10.82 1.35
C LEU A 139 -27.44 -9.74 0.72
N SER A 140 -26.87 -8.56 0.47
CA SER A 140 -27.62 -7.51 -0.19
C SER A 140 -26.96 -7.08 -1.50
N HIS A 141 -27.56 -7.47 -2.61
CA HIS A 141 -27.10 -7.04 -3.91
C HIS A 141 -28.23 -6.25 -4.56
N TYR A 142 -28.22 -4.95 -4.35
CA TYR A 142 -29.16 -4.02 -4.97
C TYR A 142 -30.63 -4.47 -5.00
N GLU A 143 -31.09 -5.24 -4.04
CA GLU A 143 -32.54 -5.45 -4.01
C GLU A 143 -33.10 -5.29 -2.61
N THR A 144 -33.51 -4.07 -2.30
CA THR A 144 -34.01 -3.73 -0.98
C THR A 144 -35.51 -3.80 -1.04
N PRO A 145 -36.16 -4.27 0.02
CA PRO A 145 -37.62 -4.22 -0.02
C PRO A 145 -38.10 -2.82 -0.36
N LEU A 146 -38.95 -2.71 -1.37
CA LEU A 146 -39.49 -1.43 -1.79
C LEU A 146 -40.27 -0.80 -0.64
N TYR A 147 -40.72 -1.62 0.30
CA TYR A 147 -41.44 -1.10 1.45
C TYR A 147 -40.47 -0.33 2.34
N LEU A 148 -39.37 -0.98 2.71
CA LEU A 148 -38.33 -0.29 3.47
C LEU A 148 -37.87 0.98 2.74
N ALA A 149 -37.65 0.86 1.43
CA ALA A 149 -37.19 2.01 0.64
C ALA A 149 -38.20 3.17 0.66
N ARG A 150 -39.47 2.84 0.42
CA ARG A 150 -40.57 3.81 0.40
C ARG A 150 -40.74 4.49 1.75
N LYS A 151 -40.79 3.68 2.80
CA LYS A 151 -41.15 4.16 4.13
C LYS A 151 -40.01 4.88 4.85
N TYR A 152 -38.82 4.30 4.82
CA TYR A 152 -37.67 4.87 5.53
C TYR A 152 -36.68 5.65 4.65
N HIS A 153 -36.93 5.67 3.35
CA HIS A 153 -35.99 6.24 2.39
C HIS A 153 -34.67 5.47 2.37
N GLY A 154 -34.73 4.20 2.76
CA GLY A 154 -33.61 3.31 2.62
C GLY A 154 -32.51 3.58 3.62
N TRP A 155 -31.28 3.32 3.19
CA TRP A 155 -30.15 3.29 4.12
C TRP A 155 -29.80 4.63 4.73
N VAL A 156 -30.38 5.69 4.21
CA VAL A 156 -30.28 7.00 4.84
C VAL A 156 -30.71 6.92 6.31
N ASP A 157 -31.60 5.98 6.61
CA ASP A 157 -32.19 5.84 7.95
C ASP A 157 -31.50 4.75 8.75
N ARG A 158 -31.07 5.08 9.96
CA ARG A 158 -30.33 4.12 10.78
C ARG A 158 -31.11 2.83 11.03
N ARG A 159 -32.44 2.95 11.09
CA ARG A 159 -33.30 1.81 11.34
C ARG A 159 -32.96 0.62 10.43
N MET A 160 -32.50 0.92 9.21
CA MET A 160 -32.16 -0.10 8.23
C MET A 160 -31.27 -1.19 8.83
N ILE A 161 -30.36 -0.78 9.71
CA ILE A 161 -29.43 -1.73 10.32
C ILE A 161 -30.21 -2.87 10.97
N HIS A 162 -31.14 -2.51 11.84
CA HIS A 162 -31.98 -3.50 12.48
C HIS A 162 -32.56 -4.45 11.43
N PHE A 163 -33.20 -3.89 10.39
CA PHE A 163 -33.88 -4.72 9.42
C PHE A 163 -32.88 -5.67 8.78
N TYR A 164 -31.74 -5.11 8.37
CA TYR A 164 -30.75 -5.92 7.66
C TYR A 164 -30.26 -7.00 8.62
N GLU A 165 -30.01 -6.61 9.86
CA GLU A 165 -29.58 -7.56 10.88
C GLU A 165 -30.57 -8.73 10.90
N LYS A 166 -31.85 -8.38 11.02
CA LYS A 166 -32.86 -9.41 11.14
C LYS A 166 -32.78 -10.34 9.93
N PHE A 167 -32.62 -9.74 8.75
CA PHE A 167 -32.53 -10.50 7.51
C PHE A 167 -31.34 -11.44 7.62
N ALA A 168 -30.17 -10.89 7.92
CA ALA A 168 -28.93 -11.68 7.88
C ALA A 168 -28.97 -12.82 8.89
N ARG A 169 -29.24 -12.48 10.14
CA ARG A 169 -29.36 -13.48 11.18
C ARG A 169 -30.27 -14.62 10.71
N THR A 170 -31.35 -14.30 10.01
CA THR A 170 -32.28 -15.35 9.63
C THR A 170 -31.62 -16.36 8.71
N VAL A 171 -30.91 -15.87 7.70
CA VAL A 171 -30.35 -16.74 6.67
C VAL A 171 -29.03 -17.40 7.03
N LEU A 172 -28.11 -16.65 7.64
CA LEU A 172 -26.90 -17.25 8.19
C LEU A 172 -27.30 -18.43 9.05
N GLU A 173 -28.27 -18.21 9.93
CA GLU A 173 -28.71 -19.24 10.84
C GLU A 173 -29.28 -20.43 10.06
N ARG A 174 -30.03 -20.14 9.01
CA ARG A 174 -30.74 -21.19 8.26
C ARG A 174 -29.83 -22.06 7.39
N TYR A 175 -28.89 -21.40 6.72
CA TYR A 175 -27.95 -22.05 5.79
C TYR A 175 -26.61 -22.37 6.42
N LYS A 176 -26.55 -22.20 7.74
CA LYS A 176 -25.28 -22.22 8.45
C LYS A 176 -24.40 -23.41 8.08
N ASP A 177 -25.00 -24.54 7.78
CA ASP A 177 -24.23 -25.68 7.30
C ASP A 177 -24.26 -25.86 5.78
N LYS A 178 -25.05 -25.04 5.08
CA LYS A 178 -25.12 -25.11 3.63
C LYS A 178 -24.29 -24.08 2.85
N VAL A 179 -23.83 -23.04 3.52
CA VAL A 179 -23.08 -21.97 2.84
C VAL A 179 -21.89 -21.48 3.65
N LYS A 180 -20.68 -21.70 3.13
CA LYS A 180 -19.48 -21.22 3.80
C LYS A 180 -19.09 -19.76 3.50
N TYR A 181 -19.25 -19.34 2.24
CA TYR A 181 -18.80 -18.03 1.79
C TYR A 181 -19.91 -16.99 1.66
N TRP A 182 -19.79 -15.92 2.45
CA TRP A 182 -20.73 -14.82 2.42
C TRP A 182 -20.09 -13.48 2.03
N LEU A 183 -20.92 -12.56 1.56
CA LEU A 183 -20.53 -11.22 1.22
C LEU A 183 -21.61 -10.32 1.81
N THR A 184 -21.22 -9.26 2.52
CA THR A 184 -22.24 -8.43 3.15
C THR A 184 -23.04 -7.57 2.15
N PHE A 185 -22.32 -6.77 1.37
CA PHE A 185 -22.94 -5.87 0.42
C PHE A 185 -22.22 -5.92 -0.90
N ASN A 186 -22.93 -5.65 -1.98
CA ASN A 186 -22.24 -5.50 -3.24
C ASN A 186 -21.94 -4.01 -3.30
N GLU A 187 -20.66 -3.66 -3.07
CA GLU A 187 -20.18 -2.27 -3.17
C GLU A 187 -20.89 -1.24 -2.31
N VAL A 188 -20.59 -1.16 -1.01
CA VAL A 188 -21.26 -0.14 -0.21
C VAL A 188 -21.23 1.25 -0.83
N ASN A 189 -20.17 1.59 -1.54
CA ASN A 189 -20.05 2.97 -2.01
C ASN A 189 -20.84 3.27 -3.28
N SER A 190 -21.39 2.26 -3.94
CA SER A 190 -22.15 2.53 -5.15
C SER A 190 -23.35 3.40 -4.80
N VAL A 191 -23.59 3.56 -3.50
CA VAL A 191 -24.59 4.48 -3.00
C VAL A 191 -24.31 5.92 -3.49
N LEU A 192 -23.09 6.17 -3.92
CA LEU A 192 -22.71 7.50 -4.36
C LEU A 192 -23.28 7.85 -5.73
N GLU A 193 -23.18 6.91 -6.67
CA GLU A 193 -23.73 7.12 -8.01
C GLU A 193 -25.14 6.56 -8.22
N LEU A 194 -25.60 5.70 -7.32
CA LEU A 194 -26.92 5.08 -7.47
C LEU A 194 -27.61 4.92 -6.12
N PRO A 195 -28.07 6.03 -5.55
CA PRO A 195 -28.60 5.94 -4.19
C PRO A 195 -29.78 4.98 -4.11
N PHE A 196 -30.72 5.08 -5.05
CA PHE A 196 -31.94 4.28 -4.96
C PHE A 196 -31.64 2.81 -5.22
N THR A 197 -31.05 2.51 -6.38
CA THR A 197 -30.67 1.15 -6.71
C THR A 197 -29.81 0.44 -5.64
N SER A 198 -28.82 1.13 -5.09
CA SER A 198 -27.91 0.46 -4.15
C SER A 198 -28.38 0.56 -2.71
N GLY A 199 -28.52 1.77 -2.19
CA GLY A 199 -28.95 1.96 -0.81
C GLY A 199 -30.45 1.99 -0.58
N GLY A 200 -31.22 1.89 -1.65
CA GLY A 200 -32.66 1.99 -1.53
C GLY A 200 -33.10 3.39 -1.14
N ILE A 201 -32.33 4.40 -1.54
CA ILE A 201 -32.65 5.76 -1.12
C ILE A 201 -33.53 6.45 -2.17
N ASP A 202 -34.77 6.68 -1.78
CA ASP A 202 -35.85 7.08 -2.69
C ASP A 202 -35.95 8.58 -2.81
N ILE A 203 -35.02 9.29 -2.16
CA ILE A 203 -35.02 10.74 -2.22
C ILE A 203 -34.31 11.18 -3.48
N PRO A 204 -34.81 12.22 -4.14
CA PRO A 204 -34.23 12.71 -5.39
C PRO A 204 -32.72 12.98 -5.27
N LYS A 205 -31.95 12.51 -6.25
CA LYS A 205 -30.50 12.58 -6.24
C LYS A 205 -29.91 13.97 -6.02
N GLU A 206 -30.56 14.99 -6.58
CA GLU A 206 -30.03 16.35 -6.44
C GLU A 206 -30.45 16.98 -5.12
N ASN A 207 -31.21 16.25 -4.32
CA ASN A 207 -31.53 16.68 -2.95
C ASN A 207 -30.67 16.00 -1.89
N LEU A 208 -29.76 15.13 -2.32
CA LEU A 208 -28.91 14.39 -1.39
C LEU A 208 -27.52 15.00 -1.27
N SER A 209 -27.21 15.50 -0.07
CA SER A 209 -25.89 16.06 0.23
C SER A 209 -24.89 14.95 0.49
N LYS A 210 -23.62 15.24 0.26
CA LYS A 210 -22.59 14.25 0.52
C LYS A 210 -22.76 13.70 1.93
N GLN A 211 -23.20 14.54 2.85
CA GLN A 211 -23.39 14.10 4.22
C GLN A 211 -24.36 12.93 4.31
N GLU A 212 -25.52 13.05 3.68
CA GLU A 212 -26.53 11.99 3.73
C GLU A 212 -26.03 10.72 3.04
N LEU A 213 -25.27 10.90 1.96
CA LEU A 213 -24.77 9.72 1.25
C LEU A 213 -23.78 8.96 2.11
N TYR A 214 -22.79 9.67 2.64
CA TYR A 214 -21.75 9.04 3.44
C TYR A 214 -22.33 8.52 4.76
N GLN A 215 -23.33 9.21 5.30
CA GLN A 215 -23.99 8.70 6.49
C GLN A 215 -24.64 7.37 6.15
N ALA A 216 -25.20 7.27 4.94
CA ALA A 216 -25.88 6.04 4.55
C ALA A 216 -24.86 4.92 4.47
N ILE A 217 -23.75 5.21 3.83
CA ILE A 217 -22.69 4.22 3.68
C ILE A 217 -22.14 3.82 5.03
N HIS A 218 -22.07 4.79 5.94
CA HIS A 218 -21.69 4.49 7.31
C HIS A 218 -22.62 3.41 7.85
N HIS A 219 -23.93 3.65 7.78
CA HIS A 219 -24.90 2.66 8.26
C HIS A 219 -24.67 1.29 7.62
N GLU A 220 -24.48 1.25 6.30
CA GLU A 220 -24.11 0.01 5.64
C GLU A 220 -22.89 -0.70 6.26
N LEU A 221 -21.81 0.05 6.51
CA LEU A 221 -20.56 -0.52 7.03
C LEU A 221 -20.72 -1.04 8.47
N VAL A 222 -21.35 -0.26 9.32
CA VAL A 222 -21.66 -0.74 10.68
C VAL A 222 -22.51 -2.01 10.64
N ALA A 223 -23.49 -2.05 9.73
CA ALA A 223 -24.34 -3.25 9.59
C ALA A 223 -23.50 -4.44 9.14
N SER A 224 -22.57 -4.17 8.21
CA SER A 224 -21.65 -5.18 7.69
C SER A 224 -20.85 -5.80 8.83
N SER A 225 -20.46 -4.95 9.77
CA SER A 225 -19.69 -5.41 10.91
C SER A 225 -20.56 -6.22 11.87
N LEU A 226 -21.74 -5.68 12.17
CA LEU A 226 -22.70 -6.33 13.06
C LEU A 226 -23.01 -7.73 12.56
N VAL A 227 -23.19 -7.84 11.26
CA VAL A 227 -23.55 -9.09 10.64
C VAL A 227 -22.36 -10.02 10.62
N THR A 228 -21.16 -9.46 10.52
CA THR A 228 -19.94 -10.27 10.61
C THR A 228 -19.83 -10.92 12.00
N LYS A 229 -19.96 -10.11 13.05
CA LYS A 229 -20.04 -10.60 14.42
C LYS A 229 -21.06 -11.73 14.52
N ILE A 230 -22.32 -11.41 14.23
CA ILE A 230 -23.41 -12.38 14.29
C ILE A 230 -23.04 -13.66 13.56
N ALA A 231 -22.46 -13.51 12.38
CA ALA A 231 -21.97 -14.62 11.58
C ALA A 231 -21.02 -15.53 12.36
N ARG A 232 -20.01 -14.93 12.97
CA ARG A 232 -19.01 -15.68 13.73
C ARG A 232 -19.60 -16.38 14.95
N GLU A 233 -20.55 -15.74 15.60
CA GLU A 233 -21.25 -16.39 16.70
C GLU A 233 -22.01 -17.61 16.18
N ILE A 234 -22.61 -17.48 15.00
CA ILE A 234 -23.40 -18.59 14.46
C ILE A 234 -22.59 -19.81 14.02
N ASN A 235 -21.58 -19.58 13.18
CA ASN A 235 -20.67 -20.64 12.77
C ASN A 235 -19.28 -20.03 12.54
N SER A 236 -18.25 -20.69 13.06
CA SER A 236 -16.92 -20.12 13.02
C SER A 236 -16.21 -20.50 11.72
N GLU A 237 -16.83 -21.37 10.93
CA GLU A 237 -16.24 -21.77 9.66
C GLU A 237 -16.66 -20.83 8.51
N PHE A 238 -17.62 -19.96 8.78
CA PHE A 238 -18.04 -18.96 7.81
C PHE A 238 -16.85 -18.10 7.37
N LYS A 239 -16.87 -17.67 6.11
CA LYS A 239 -15.95 -16.63 5.63
C LYS A 239 -16.75 -15.42 5.19
N VAL A 240 -16.50 -14.28 5.80
CA VAL A 240 -17.25 -13.09 5.48
C VAL A 240 -16.39 -12.08 4.70
N GLY A 241 -16.66 -11.93 3.42
CA GLY A 241 -15.93 -11.00 2.59
C GLY A 241 -16.64 -9.68 2.35
N CYS A 242 -15.89 -8.65 1.98
CA CYS A 242 -16.54 -7.43 1.51
C CYS A 242 -16.54 -7.53 0.01
N MET A 243 -17.19 -6.59 -0.64
CA MET A 243 -17.19 -6.59 -2.09
C MET A 243 -17.09 -5.19 -2.58
N VAL A 244 -16.17 -4.99 -3.51
CA VAL A 244 -15.72 -3.66 -3.80
C VAL A 244 -15.42 -3.54 -5.29
N LEU A 245 -15.46 -2.32 -5.79
CA LEU A 245 -15.17 -2.05 -7.18
C LEU A 245 -13.69 -1.79 -7.35
N ALA A 246 -13.01 -2.66 -8.06
CA ALA A 246 -11.59 -2.50 -8.29
C ALA A 246 -11.40 -1.66 -9.52
N MET A 247 -10.83 -0.47 -9.34
CA MET A 247 -10.46 0.39 -10.47
C MET A 247 -9.07 1.00 -10.34
N PRO A 248 -8.04 0.32 -10.85
CA PRO A 248 -6.70 0.90 -10.71
C PRO A 248 -6.56 2.15 -11.59
N ALA A 249 -5.93 3.19 -11.05
CA ALA A 249 -5.73 4.46 -11.73
C ALA A 249 -4.26 4.68 -12.04
N TYR A 250 -3.99 5.25 -13.22
CA TYR A 250 -2.66 5.51 -13.75
C TYR A 250 -2.53 7.01 -14.04
N PRO A 251 -1.35 7.61 -13.75
CA PRO A 251 -1.13 9.04 -14.02
C PRO A 251 -0.90 9.32 -15.50
N MET A 252 -1.48 10.39 -16.02
CA MET A 252 -1.35 10.66 -17.44
C MET A 252 0.11 10.95 -17.79
N THR A 253 0.83 11.58 -16.87
CA THR A 253 2.25 11.91 -17.04
C THR A 253 2.99 11.81 -15.72
N PRO A 254 4.32 11.61 -15.78
CA PRO A 254 5.25 11.60 -14.64
C PRO A 254 5.27 12.92 -13.84
N ASN A 255 4.63 13.96 -14.37
CA ASN A 255 4.50 15.19 -13.60
C ASN A 255 3.96 14.84 -12.23
N PRO A 256 4.69 15.19 -11.16
CA PRO A 256 4.26 14.75 -9.83
C PRO A 256 2.87 15.26 -9.42
N LYS A 257 2.40 16.33 -10.04
CA LYS A 257 1.04 16.82 -9.78
C LYS A 257 -0.04 15.81 -10.25
N ASP A 258 0.23 15.17 -11.38
CA ASP A 258 -0.65 14.13 -11.89
C ASP A 258 -0.54 12.88 -11.03
N VAL A 259 0.66 12.54 -10.59
CA VAL A 259 0.81 11.34 -9.78
C VAL A 259 0.06 11.52 -8.45
N TRP A 260 0.13 12.72 -7.89
CA TRP A 260 -0.62 12.99 -6.68
C TRP A 260 -2.14 13.05 -6.93
N ALA A 261 -2.55 13.61 -8.06
CA ALA A 261 -3.98 13.64 -8.42
C ALA A 261 -4.57 12.23 -8.53
N THR A 262 -3.78 11.34 -9.12
CA THR A 262 -4.08 9.91 -9.24
C THR A 262 -4.19 9.23 -7.87
N HIS A 263 -3.28 9.58 -6.97
CA HIS A 263 -3.35 9.08 -5.60
C HIS A 263 -4.66 9.50 -4.93
N GLU A 264 -4.96 10.80 -4.98
CA GLU A 264 -6.20 11.27 -4.37
C GLU A 264 -7.42 10.60 -4.99
N TYR A 265 -7.36 10.37 -6.28
CA TYR A 265 -8.47 9.73 -6.95
C TYR A 265 -8.67 8.35 -6.36
N GLU A 266 -7.58 7.60 -6.18
CA GLU A 266 -7.70 6.25 -5.64
C GLU A 266 -8.18 6.22 -4.18
N ASN A 267 -7.89 7.27 -3.42
CA ASN A 267 -8.39 7.27 -2.03
C ASN A 267 -9.92 7.28 -1.90
N LEU A 268 -10.63 7.74 -2.94
CA LEU A 268 -12.09 7.86 -2.85
C LEU A 268 -12.66 6.45 -2.69
N ASN A 269 -12.05 5.53 -3.41
CA ASN A 269 -12.38 4.13 -3.37
C ASN A 269 -11.80 3.46 -2.14
N TYR A 270 -10.52 3.69 -1.90
CA TYR A 270 -9.83 3.01 -0.81
C TYR A 270 -10.46 3.30 0.53
N LEU A 271 -11.14 4.44 0.62
CA LEU A 271 -11.74 4.84 1.88
C LEU A 271 -12.62 3.71 2.46
N PHE A 272 -13.42 3.07 1.61
CA PHE A 272 -14.39 2.07 2.08
C PHE A 272 -13.79 0.70 2.39
N SER A 273 -12.91 0.22 1.52
CA SER A 273 -12.23 -1.03 1.81
C SER A 273 -11.32 -0.89 3.04
N ASP A 274 -10.81 0.31 3.32
CA ASP A 274 -10.02 0.49 4.54
C ASP A 274 -10.86 0.30 5.78
N VAL A 275 -12.13 0.68 5.71
CA VAL A 275 -13.04 0.48 6.83
C VAL A 275 -13.41 -0.99 6.95
N HIS A 276 -13.79 -1.62 5.84
CA HIS A 276 -14.10 -3.05 5.83
C HIS A 276 -12.96 -3.89 6.43
N VAL A 277 -11.74 -3.65 5.92
CA VAL A 277 -10.57 -4.43 6.29
C VAL A 277 -9.87 -4.03 7.59
N ARG A 278 -9.57 -2.73 7.72
CA ARG A 278 -8.80 -2.22 8.85
C ARG A 278 -9.64 -1.78 10.04
N GLY A 279 -10.93 -1.56 9.82
CA GLY A 279 -11.84 -1.38 10.94
C GLY A 279 -11.96 0.04 11.46
N TYR A 280 -11.46 1.02 10.72
CA TYR A 280 -11.63 2.41 11.12
C TYR A 280 -11.47 3.34 9.93
N TYR A 281 -11.99 4.56 10.05
CA TYR A 281 -11.82 5.54 8.98
C TYR A 281 -10.35 5.89 8.86
N PRO A 282 -9.81 5.76 7.64
CA PRO A 282 -8.39 5.95 7.37
C PRO A 282 -7.98 7.39 7.68
N ASN A 283 -6.68 7.60 7.87
CA ASN A 283 -6.15 8.90 8.25
C ASN A 283 -6.53 10.06 7.32
N TYR A 284 -6.63 9.79 6.01
CA TYR A 284 -6.93 10.85 5.04
C TYR A 284 -8.41 11.26 5.03
N ALA A 285 -9.24 10.36 5.54
CA ALA A 285 -10.67 10.59 5.59
C ALA A 285 -10.95 11.94 6.20
N LYS A 286 -10.32 12.20 7.34
CA LYS A 286 -10.60 13.42 8.07
C LYS A 286 -10.49 14.61 7.13
N ARG A 287 -9.37 14.72 6.44
CA ARG A 287 -9.18 15.84 5.53
C ARG A 287 -10.33 15.89 4.51
N TYR A 288 -10.57 14.76 3.84
CA TYR A 288 -11.58 14.72 2.81
C TYR A 288 -12.91 15.22 3.38
N PHE A 289 -13.25 14.73 4.58
CA PHE A 289 -14.54 15.08 5.13
C PHE A 289 -14.61 16.58 5.38
N LYS A 290 -13.53 17.14 5.92
CA LYS A 290 -13.56 18.56 6.25
C LYS A 290 -13.73 19.37 4.99
N GLU A 291 -13.18 18.87 3.88
CA GLU A 291 -13.22 19.67 2.68
C GLU A 291 -14.57 19.52 2.01
N ASN A 292 -15.24 18.40 2.28
CA ASN A 292 -16.53 18.13 1.65
C ASN A 292 -17.76 18.37 2.53
N ASP A 293 -17.54 18.91 3.73
CA ASP A 293 -18.64 19.19 4.66
C ASP A 293 -19.32 17.91 5.14
N ILE A 294 -18.53 16.85 5.26
CA ILE A 294 -18.99 15.57 5.73
C ILE A 294 -18.57 15.34 7.17
N ASN A 295 -19.52 15.36 8.09
CA ASN A 295 -19.20 14.92 9.44
C ASN A 295 -20.07 13.73 9.85
N ILE A 296 -19.48 12.55 9.92
CA ILE A 296 -20.23 11.33 10.22
C ILE A 296 -20.76 11.39 11.63
N GLU A 297 -21.98 10.88 11.81
CA GLU A 297 -22.59 10.77 13.13
C GLU A 297 -22.49 9.34 13.64
N PHE A 298 -21.65 9.13 14.65
CA PHE A 298 -21.41 7.81 15.21
C PHE A 298 -22.38 7.54 16.34
N ALA A 299 -23.02 6.38 16.30
CA ALA A 299 -23.70 5.88 17.49
C ALA A 299 -22.62 5.30 18.39
N ALA A 300 -22.86 5.29 19.70
CA ALA A 300 -21.83 4.97 20.68
C ALA A 300 -21.17 3.62 20.44
N GLU A 301 -21.91 2.71 19.84
CA GLU A 301 -21.45 1.34 19.61
C GLU A 301 -20.60 1.22 18.34
N ASP A 302 -20.64 2.24 17.49
CA ASP A 302 -20.16 2.08 16.12
C ASP A 302 -18.67 1.78 15.99
N ALA A 303 -17.85 2.57 16.69
CA ALA A 303 -16.39 2.46 16.55
C ALA A 303 -15.92 1.04 16.90
N GLU A 304 -16.39 0.53 18.04
CA GLU A 304 -15.98 -0.81 18.46
C GLU A 304 -16.50 -1.88 17.49
N LEU A 305 -17.72 -1.71 17.01
CA LEU A 305 -18.27 -2.64 16.02
C LEU A 305 -17.36 -2.73 14.78
N LEU A 306 -17.12 -1.59 14.15
CA LEU A 306 -16.23 -1.49 12.98
C LEU A 306 -14.83 -2.04 13.24
N LYS A 307 -14.29 -1.73 14.41
CA LYS A 307 -12.92 -2.03 14.73
C LYS A 307 -12.73 -3.53 14.98
N ASN A 308 -13.62 -4.11 15.79
CA ASN A 308 -13.47 -5.51 16.19
C ASN A 308 -13.96 -6.52 15.16
N TYR A 309 -14.87 -6.12 14.27
CA TYR A 309 -15.34 -7.06 13.27
C TYR A 309 -15.03 -6.61 11.85
N THR A 310 -13.98 -7.20 11.28
CA THR A 310 -13.52 -6.83 9.95
C THR A 310 -13.57 -8.05 9.04
N VAL A 311 -13.59 -7.80 7.73
CA VAL A 311 -13.77 -8.88 6.77
C VAL A 311 -12.61 -9.86 6.79
N ASP A 312 -12.91 -11.14 6.56
CA ASP A 312 -11.91 -12.20 6.47
C ASP A 312 -11.26 -12.19 5.09
N PHE A 313 -11.99 -11.64 4.12
CA PHE A 313 -11.49 -11.54 2.76
C PHE A 313 -12.16 -10.41 1.99
N LEU A 314 -11.54 -10.03 0.88
CA LEU A 314 -12.05 -8.96 0.07
C LEU A 314 -12.28 -9.44 -1.35
N SER A 315 -13.48 -9.21 -1.85
CA SER A 315 -13.85 -9.61 -3.20
C SER A 315 -14.10 -8.35 -4.02
N PHE A 316 -13.99 -8.45 -5.33
CA PHE A 316 -14.15 -7.24 -6.14
C PHE A 316 -14.56 -7.51 -7.57
N SER A 317 -15.14 -6.49 -8.21
CA SER A 317 -15.40 -6.55 -9.63
C SER A 317 -14.30 -5.81 -10.34
N TYR A 318 -13.84 -6.36 -11.45
CA TYR A 318 -12.88 -5.63 -12.29
C TYR A 318 -13.32 -5.64 -13.75
N TYR A 319 -13.28 -4.45 -14.35
CA TYR A 319 -13.60 -4.24 -15.75
C TYR A 319 -12.52 -3.46 -16.47
N MET A 320 -12.25 -2.25 -15.97
CA MET A 320 -11.26 -1.38 -16.61
C MET A 320 -10.40 -0.59 -15.61
N SER A 321 -9.35 0.03 -16.11
CA SER A 321 -8.57 0.97 -15.32
C SER A 321 -8.99 2.36 -15.70
N VAL A 322 -8.43 3.37 -15.04
CA VAL A 322 -8.70 4.76 -15.40
C VAL A 322 -7.41 5.58 -15.40
N THR A 323 -7.34 6.60 -16.24
CA THR A 323 -6.16 7.43 -16.34
C THR A 323 -6.50 8.82 -15.86
N GLN A 324 -5.68 9.35 -14.95
CA GLN A 324 -5.99 10.58 -14.22
C GLN A 324 -4.97 11.70 -14.43
N SER A 325 -5.42 12.91 -14.16
CA SER A 325 -4.63 14.11 -14.39
C SER A 325 -4.99 15.19 -13.40
N ALA A 326 -4.04 16.07 -13.08
CA ALA A 326 -4.33 17.23 -12.24
C ALA A 326 -4.92 18.34 -13.10
N LEU A 327 -4.76 18.22 -14.41
CA LEU A 327 -5.24 19.21 -15.35
C LEU A 327 -6.70 19.58 -15.13
N PRO A 328 -7.00 20.88 -15.11
CA PRO A 328 -8.37 21.38 -14.99
C PRO A 328 -9.25 20.93 -16.16
N GLY A 341 -9.94 11.81 -16.28
CA GLY A 341 -10.79 10.91 -17.07
C GLY A 341 -10.36 10.92 -18.53
N LEU A 342 -9.06 10.88 -18.74
CA LEU A 342 -8.49 10.92 -20.08
C LEU A 342 -8.66 9.57 -20.74
N VAL A 343 -8.59 9.53 -22.06
CA VAL A 343 -8.60 8.24 -22.74
C VAL A 343 -7.17 7.73 -22.97
N ASN A 344 -6.84 6.63 -22.31
CA ASN A 344 -5.53 6.03 -22.38
C ASN A 344 -5.22 5.55 -23.79
N PRO A 345 -4.16 6.11 -24.39
CA PRO A 345 -3.74 5.83 -25.76
C PRO A 345 -3.17 4.44 -25.94
N TYR A 346 -2.86 3.74 -24.85
CA TYR A 346 -2.23 2.42 -24.99
C TYR A 346 -3.22 1.25 -24.92
N LEU A 347 -4.48 1.55 -24.67
CA LEU A 347 -5.46 0.49 -24.42
C LEU A 347 -6.35 0.19 -25.63
N GLU A 348 -6.65 -1.10 -25.79
CA GLU A 348 -7.60 -1.57 -26.79
C GLU A 348 -9.01 -1.22 -26.39
N SER A 349 -9.93 -1.27 -27.35
CA SER A 349 -11.34 -1.14 -27.02
C SER A 349 -12.12 -2.37 -27.46
N SER A 350 -13.32 -2.53 -26.91
CA SER A 350 -14.20 -3.63 -27.31
C SER A 350 -15.17 -3.16 -28.39
N GLU A 351 -16.03 -4.07 -28.82
CA GLU A 351 -17.08 -3.75 -29.79
C GLU A 351 -18.11 -2.84 -29.14
N TRP A 352 -18.26 -2.96 -27.83
CA TRP A 352 -19.18 -2.12 -27.08
C TRP A 352 -18.63 -0.71 -26.90
N GLY A 353 -17.34 -0.54 -27.19
CA GLY A 353 -16.68 0.73 -26.95
C GLY A 353 -16.35 0.90 -25.48
N TRP A 354 -15.82 -0.16 -24.88
CA TRP A 354 -15.19 -0.04 -23.56
C TRP A 354 -13.70 -0.32 -23.69
N GLN A 355 -12.90 0.34 -22.86
CA GLN A 355 -11.45 0.14 -22.87
C GLN A 355 -11.04 -1.11 -22.10
N ILE A 356 -10.34 -2.01 -22.78
CA ILE A 356 -9.87 -3.25 -22.18
C ILE A 356 -8.46 -3.10 -21.56
N ASP A 357 -8.29 -3.56 -20.32
CA ASP A 357 -7.01 -3.50 -19.62
C ASP A 357 -6.73 -4.71 -18.74
N PRO A 358 -6.22 -5.80 -19.34
CA PRO A 358 -5.92 -7.01 -18.58
C PRO A 358 -4.80 -6.85 -17.56
N ILE A 359 -3.77 -6.08 -17.89
CA ILE A 359 -2.63 -5.91 -16.98
C ILE A 359 -3.09 -5.13 -15.75
N GLY A 360 -4.07 -4.26 -15.94
CA GLY A 360 -4.74 -3.61 -14.82
C GLY A 360 -5.23 -4.57 -13.74
N LEU A 361 -5.58 -5.81 -14.10
CA LEU A 361 -6.04 -6.82 -13.13
C LEU A 361 -4.90 -7.34 -12.25
N ARG A 362 -3.76 -7.64 -12.87
CA ARG A 362 -2.53 -7.89 -12.11
C ARG A 362 -2.16 -6.74 -11.19
N ILE A 363 -2.29 -5.53 -11.72
CA ILE A 363 -1.92 -4.37 -10.95
C ILE A 363 -2.80 -4.18 -9.73
N ILE A 364 -4.12 -4.28 -9.91
CA ILE A 364 -4.99 -4.01 -8.79
C ILE A 364 -4.96 -5.16 -7.79
N LEU A 365 -4.81 -6.38 -8.30
CA LEU A 365 -4.58 -7.51 -7.41
C LEU A 365 -3.37 -7.23 -6.49
N ASN A 366 -2.23 -6.89 -7.09
CA ASN A 366 -1.06 -6.61 -6.27
C ASN A 366 -1.24 -5.43 -5.33
N ARG A 367 -1.90 -4.37 -5.79
CA ARG A 367 -2.12 -3.21 -4.95
C ARG A 367 -2.98 -3.52 -3.72
N TYR A 368 -4.11 -4.22 -3.93
CA TYR A 368 -4.93 -4.64 -2.80
C TYR A 368 -4.16 -5.55 -1.87
N TYR A 369 -3.45 -6.53 -2.44
CA TYR A 369 -2.76 -7.47 -1.58
C TYR A 369 -1.61 -6.81 -0.78
N ASP A 370 -0.89 -5.89 -1.40
CA ASP A 370 0.15 -5.12 -0.73
C ASP A 370 -0.47 -4.32 0.40
N ARG A 371 -1.61 -3.70 0.14
CA ARG A 371 -2.20 -2.87 1.18
C ARG A 371 -2.75 -3.67 2.36
N TYR A 372 -3.52 -4.73 2.05
CA TYR A 372 -4.29 -5.46 3.05
C TYR A 372 -3.78 -6.83 3.54
N GLN A 373 -2.96 -7.49 2.74
CA GLN A 373 -2.48 -8.82 3.09
C GLN A 373 -3.56 -9.85 3.44
N ILE A 374 -4.75 -9.74 2.86
CA ILE A 374 -5.74 -10.80 3.02
C ILE A 374 -6.13 -11.40 1.68
N PRO A 375 -6.68 -12.62 1.70
CA PRO A 375 -7.07 -13.29 0.45
C PRO A 375 -8.03 -12.44 -0.39
N LEU A 376 -7.87 -12.53 -1.71
CA LEU A 376 -8.71 -11.82 -2.64
C LEU A 376 -9.60 -12.77 -3.43
N PHE A 377 -10.78 -12.30 -3.81
CA PHE A 377 -11.74 -13.09 -4.59
C PHE A 377 -12.26 -12.23 -5.74
N ILE A 378 -12.05 -12.66 -6.97
CA ILE A 378 -12.56 -11.88 -8.08
C ILE A 378 -13.96 -12.41 -8.34
N VAL A 379 -14.97 -11.65 -7.92
CA VAL A 379 -16.37 -12.08 -8.03
C VAL A 379 -17.18 -11.47 -9.16
N GLU A 380 -16.64 -10.49 -9.87
CA GLU A 380 -17.31 -10.03 -11.09
C GLU A 380 -16.31 -9.69 -12.19
N ASN A 381 -16.33 -10.43 -13.27
CA ASN A 381 -15.51 -10.07 -14.41
C ASN A 381 -16.14 -10.63 -15.69
N GLY A 382 -16.04 -9.89 -16.78
CA GLY A 382 -16.58 -10.35 -18.04
C GLY A 382 -16.58 -9.31 -19.16
N LEU A 383 -16.87 -9.80 -20.37
CA LEU A 383 -17.00 -8.94 -21.54
C LEU A 383 -18.45 -8.89 -22.01
N GLY A 384 -19.09 -7.72 -21.86
CA GLY A 384 -20.42 -7.50 -22.41
C GLY A 384 -20.42 -7.34 -23.93
N ALA A 385 -21.23 -8.14 -24.61
CA ALA A 385 -21.37 -8.04 -26.06
C ALA A 385 -22.78 -8.36 -26.54
N LYS A 386 -23.02 -8.02 -27.79
CA LYS A 386 -24.32 -8.05 -28.46
C LYS A 386 -24.65 -9.40 -29.07
N ASP A 387 -24.10 -10.48 -28.53
CA ASP A 387 -24.07 -11.79 -29.17
C ASP A 387 -25.35 -12.15 -29.90
N GLN A 388 -25.17 -12.77 -31.05
CA GLN A 388 -26.27 -13.28 -31.88
C GLN A 388 -26.25 -14.79 -31.89
N LEU A 389 -27.42 -15.41 -31.77
CA LEU A 389 -27.51 -16.86 -31.84
C LEU A 389 -27.59 -17.28 -33.29
N ILE A 390 -26.74 -18.20 -33.71
CA ILE A 390 -26.71 -18.62 -35.12
C ILE A 390 -26.25 -20.07 -35.26
N LYS A 391 -26.65 -20.72 -36.35
CA LYS A 391 -26.28 -22.11 -36.59
C LYS A 391 -24.82 -22.22 -36.98
N ASP A 392 -24.06 -23.07 -36.28
CA ASP A 392 -22.67 -23.29 -36.66
C ASP A 392 -22.59 -24.31 -37.80
N GLU A 393 -21.38 -24.72 -38.13
CA GLU A 393 -21.16 -25.66 -39.23
C GLU A 393 -21.63 -27.05 -38.85
N LEU A 394 -21.74 -27.29 -37.54
CA LEU A 394 -22.23 -28.56 -37.02
C LEU A 394 -23.75 -28.52 -36.86
N ASN A 395 -24.35 -27.42 -37.32
CA ASN A 395 -25.80 -27.26 -37.29
C ASN A 395 -26.36 -26.97 -35.90
N ASN A 396 -25.48 -26.94 -34.91
CA ASN A 396 -25.87 -26.57 -33.56
C ASN A 396 -26.07 -25.06 -33.44
N LEU A 397 -27.15 -24.64 -32.79
CA LEU A 397 -27.39 -23.22 -32.54
C LEU A 397 -26.53 -22.74 -31.37
N THR A 398 -25.76 -21.70 -31.62
CA THR A 398 -24.75 -21.25 -30.66
C THR A 398 -24.32 -19.82 -30.93
N VAL A 399 -23.29 -19.39 -30.22
CA VAL A 399 -22.71 -18.07 -30.38
C VAL A 399 -21.21 -18.20 -30.60
N GLN A 400 -20.68 -17.55 -31.64
CA GLN A 400 -19.24 -17.61 -31.81
C GLN A 400 -18.74 -16.39 -31.07
N ASP A 401 -18.34 -16.64 -29.83
CA ASP A 401 -17.96 -15.60 -28.88
C ASP A 401 -16.45 -15.43 -28.65
N ASP A 402 -15.64 -15.91 -29.59
CA ASP A 402 -14.18 -15.95 -29.45
C ASP A 402 -13.59 -14.64 -28.90
N TYR A 403 -14.27 -13.52 -29.09
CA TYR A 403 -13.87 -12.29 -28.43
C TYR A 403 -13.92 -12.45 -26.90
N ARG A 404 -14.89 -13.22 -26.41
CA ARG A 404 -15.04 -13.39 -24.96
C ARG A 404 -14.06 -14.42 -24.44
N ILE A 405 -13.76 -15.41 -25.26
CA ILE A 405 -12.69 -16.35 -24.95
C ILE A 405 -11.36 -15.59 -24.85
N GLN A 406 -11.10 -14.70 -25.80
CA GLN A 406 -9.87 -13.91 -25.83
C GLN A 406 -9.76 -13.04 -24.56
N TYR A 407 -10.81 -12.26 -24.30
CA TYR A 407 -10.90 -11.42 -23.11
C TYR A 407 -10.59 -12.21 -21.82
N MET A 408 -11.26 -13.34 -21.66
CA MET A 408 -11.11 -14.15 -20.44
C MET A 408 -9.73 -14.78 -20.31
N LYS A 409 -9.25 -15.32 -21.42
CA LYS A 409 -7.87 -15.81 -21.50
C LYS A 409 -6.92 -14.76 -20.95
N GLU A 410 -6.90 -13.59 -21.57
CA GLU A 410 -5.95 -12.54 -21.18
C GLU A 410 -6.06 -12.17 -19.70
N HIS A 411 -7.28 -11.95 -19.25
CA HIS A 411 -7.48 -11.58 -17.85
C HIS A 411 -6.99 -12.65 -16.88
N LEU A 412 -7.23 -13.92 -17.23
CA LEU A 412 -6.84 -15.04 -16.37
C LEU A 412 -5.33 -15.30 -16.40
N LEU A 413 -4.69 -14.97 -17.51
CA LEU A 413 -3.24 -15.05 -17.55
C LEU A 413 -2.70 -14.04 -16.55
N GLN A 414 -3.28 -12.85 -16.55
CA GLN A 414 -2.88 -11.87 -15.55
C GLN A 414 -3.23 -12.31 -14.10
N VAL A 415 -4.31 -13.07 -13.93
CA VAL A 415 -4.64 -13.59 -12.61
C VAL A 415 -3.50 -14.52 -12.19
N ALA A 416 -3.04 -15.32 -13.14
CA ALA A 416 -2.00 -16.31 -12.88
C ALA A 416 -0.66 -15.63 -12.52
N GLU A 417 -0.38 -14.51 -13.19
CA GLU A 417 0.79 -13.71 -12.85
C GLU A 417 0.66 -13.22 -11.41
N ALA A 418 -0.54 -12.76 -11.03
CA ALA A 418 -0.75 -12.30 -9.65
C ALA A 418 -0.57 -13.43 -8.61
N LEU A 419 -0.94 -14.64 -8.97
CA LEU A 419 -0.73 -15.78 -8.10
C LEU A 419 0.75 -16.06 -7.92
N GLN A 420 1.51 -15.96 -9.01
CA GLN A 420 2.93 -16.14 -8.89
C GLN A 420 3.57 -15.03 -8.03
N ASP A 421 3.06 -13.80 -8.12
CA ASP A 421 3.57 -12.71 -7.27
C ASP A 421 3.26 -13.00 -5.80
N GLY A 422 2.55 -14.11 -5.56
CA GLY A 422 2.26 -14.54 -4.20
C GLY A 422 0.98 -13.97 -3.62
N VAL A 423 0.21 -13.26 -4.45
CA VAL A 423 -1.08 -12.77 -4.01
C VAL A 423 -1.95 -13.97 -3.67
N GLU A 424 -2.77 -13.87 -2.63
CA GLU A 424 -3.67 -14.95 -2.22
C GLU A 424 -5.01 -14.76 -2.88
N ILE A 425 -5.34 -15.62 -3.83
CA ILE A 425 -6.58 -15.47 -4.58
C ILE A 425 -7.47 -16.70 -4.44
N MET A 426 -8.60 -16.54 -3.76
CA MET A 426 -9.50 -17.66 -3.46
C MET A 426 -10.12 -18.29 -4.70
N GLY A 427 -10.51 -17.47 -5.67
CA GLY A 427 -11.17 -17.96 -6.85
C GLY A 427 -11.60 -16.90 -7.85
N TYR A 428 -12.30 -17.35 -8.88
CA TYR A 428 -12.75 -16.50 -9.97
C TYR A 428 -14.19 -16.86 -10.38
N THR A 429 -15.12 -15.92 -10.27
CA THR A 429 -16.46 -16.12 -10.79
C THR A 429 -16.75 -15.17 -11.96
N SER A 430 -16.85 -15.74 -13.17
CA SER A 430 -17.18 -14.97 -14.36
C SER A 430 -18.59 -14.40 -14.27
N TRP A 431 -18.72 -13.11 -14.55
CA TRP A 431 -20.01 -12.42 -14.40
C TRP A 431 -21.06 -12.86 -15.43
N GLY A 432 -22.31 -12.90 -15.00
CA GLY A 432 -23.40 -13.27 -15.88
C GLY A 432 -23.07 -14.52 -16.67
N CYS A 433 -22.54 -15.54 -15.97
CA CYS A 433 -22.21 -16.81 -16.61
C CYS A 433 -23.41 -17.40 -17.39
N ILE A 434 -24.62 -17.05 -16.98
CA ILE A 434 -25.79 -17.32 -17.81
C ILE A 434 -26.45 -15.97 -18.06
N ASP A 435 -26.76 -15.66 -19.32
CA ASP A 435 -27.16 -14.30 -19.67
C ASP A 435 -28.21 -13.80 -18.71
N CYS A 436 -28.07 -12.57 -18.25
CA CYS A 436 -29.02 -12.05 -17.28
C CYS A 436 -29.41 -10.64 -17.66
N VAL A 437 -30.45 -10.12 -17.01
CA VAL A 437 -30.85 -8.74 -17.22
C VAL A 437 -29.77 -7.86 -16.60
N SER A 438 -29.35 -6.83 -17.32
CA SER A 438 -28.32 -5.92 -16.82
C SER A 438 -28.83 -5.05 -15.68
N MET A 439 -27.89 -4.52 -14.91
CA MET A 439 -28.22 -3.68 -13.78
C MET A 439 -28.45 -2.24 -14.22
N SER A 440 -27.59 -1.78 -15.13
CA SER A 440 -27.59 -0.37 -15.53
C SER A 440 -28.82 0.02 -16.31
N THR A 441 -29.07 -0.73 -17.39
CA THR A 441 -30.21 -0.50 -18.28
C THR A 441 -31.39 -1.47 -18.20
N ALA A 442 -31.28 -2.50 -17.38
CA ALA A 442 -32.28 -3.58 -17.36
C ALA A 442 -32.56 -4.11 -18.77
N GLN A 443 -31.51 -4.54 -19.46
CA GLN A 443 -31.68 -5.13 -20.78
C GLN A 443 -30.95 -6.45 -20.93
N LEU A 444 -31.44 -7.30 -21.85
CA LEU A 444 -30.77 -8.55 -22.18
C LEU A 444 -29.82 -8.50 -23.39
N SER A 445 -29.91 -7.42 -24.16
CA SER A 445 -29.11 -7.22 -25.38
C SER A 445 -27.60 -7.38 -25.19
N LYS A 446 -27.10 -6.84 -24.08
CA LYS A 446 -25.67 -6.86 -23.78
C LYS A 446 -25.43 -8.08 -22.93
N ARG A 447 -24.74 -9.07 -23.49
CA ARG A 447 -24.66 -10.40 -22.88
C ARG A 447 -23.24 -10.73 -22.44
N TYR A 448 -23.12 -11.13 -21.16
CA TYR A 448 -21.86 -11.55 -20.58
C TYR A 448 -21.71 -13.06 -20.49
N GLY A 449 -22.76 -13.77 -20.88
CA GLY A 449 -22.86 -15.16 -20.50
C GLY A 449 -21.99 -16.14 -21.26
N LEU A 450 -21.65 -17.23 -20.58
CA LEU A 450 -21.13 -18.41 -21.26
C LEU A 450 -22.30 -19.22 -21.80
N ILE A 451 -23.49 -18.93 -21.27
CA ILE A 451 -24.73 -19.61 -21.70
C ILE A 451 -25.76 -18.60 -22.20
N TYR A 452 -26.12 -18.73 -23.48
CA TYR A 452 -27.04 -17.80 -24.11
C TYR A 452 -28.45 -18.17 -23.70
N VAL A 453 -29.22 -17.16 -23.32
CA VAL A 453 -30.62 -17.36 -23.00
C VAL A 453 -31.45 -16.64 -24.07
N ASP A 454 -32.41 -17.32 -24.65
CA ASP A 454 -33.13 -16.69 -25.74
C ASP A 454 -34.30 -15.96 -25.14
N ARG A 455 -34.08 -14.68 -24.90
CA ARG A 455 -35.11 -13.73 -24.52
C ARG A 455 -34.52 -12.41 -24.94
N ASN A 456 -35.34 -11.45 -25.29
CA ASN A 456 -34.84 -10.20 -25.87
C ASN A 456 -35.36 -9.00 -25.10
N ASP A 457 -34.74 -7.84 -25.35
CA ASP A 457 -35.11 -6.59 -24.70
C ASP A 457 -36.63 -6.37 -24.68
N ASP A 458 -37.31 -6.73 -25.77
CA ASP A 458 -38.75 -6.56 -25.86
C ASP A 458 -39.51 -7.59 -25.00
N GLY A 459 -38.77 -8.52 -24.42
CA GLY A 459 -39.34 -9.50 -23.51
C GLY A 459 -39.67 -10.81 -24.17
N SER A 460 -39.58 -10.85 -25.49
CA SER A 460 -39.99 -12.00 -26.27
C SER A 460 -38.94 -13.10 -26.29
N GLY A 461 -39.39 -14.36 -26.38
CA GLY A 461 -38.50 -15.45 -26.70
C GLY A 461 -38.83 -16.80 -26.09
N THR A 462 -38.04 -17.79 -26.45
CA THR A 462 -38.20 -19.18 -26.00
C THR A 462 -37.74 -19.44 -24.57
N LEU A 463 -36.77 -18.66 -24.11
CA LEU A 463 -36.14 -18.91 -22.82
C LEU A 463 -35.25 -20.14 -22.88
N ASN A 464 -34.97 -20.62 -24.07
CA ASN A 464 -34.08 -21.76 -24.21
C ASN A 464 -32.65 -21.34 -23.82
N ARG A 465 -31.89 -22.30 -23.32
CA ARG A 465 -30.49 -22.09 -23.05
C ARG A 465 -29.68 -22.75 -24.15
N TYR A 466 -28.59 -22.10 -24.55
CA TYR A 466 -27.68 -22.64 -25.55
C TYR A 466 -26.24 -22.42 -25.13
N LYS A 467 -25.41 -23.45 -25.31
CA LYS A 467 -23.97 -23.28 -25.08
C LYS A 467 -23.39 -22.30 -26.08
N LYS A 468 -22.72 -21.27 -25.57
CA LYS A 468 -21.83 -20.41 -26.36
C LYS A 468 -20.50 -21.14 -26.56
N MET A 469 -19.75 -20.76 -27.59
CA MET A 469 -18.47 -21.40 -27.83
C MET A 469 -17.54 -21.27 -26.59
N SER A 470 -17.74 -20.21 -25.80
CA SER A 470 -16.92 -19.97 -24.62
C SER A 470 -17.24 -20.92 -23.48
N PHE A 471 -18.38 -21.57 -23.57
CA PHE A 471 -18.82 -22.55 -22.58
C PHE A 471 -17.83 -23.69 -22.53
N THR A 472 -17.47 -24.19 -23.71
CA THR A 472 -16.57 -25.33 -23.84
C THR A 472 -15.17 -24.98 -23.35
N TRP A 473 -14.67 -23.86 -23.85
CA TRP A 473 -13.34 -23.35 -23.50
C TRP A 473 -13.21 -23.15 -21.98
N TYR A 474 -14.18 -22.47 -21.39
CA TYR A 474 -14.19 -22.26 -19.94
C TYR A 474 -14.18 -23.60 -19.21
N LYS A 475 -14.98 -24.53 -19.72
CA LYS A 475 -14.98 -25.89 -19.19
C LYS A 475 -13.56 -26.44 -19.12
N GLU A 476 -12.83 -26.30 -20.22
CA GLU A 476 -11.47 -26.84 -20.27
C GLU A 476 -10.52 -26.12 -19.31
N VAL A 477 -10.70 -24.82 -19.14
CA VAL A 477 -9.86 -24.13 -18.17
C VAL A 477 -10.16 -24.65 -16.76
N ILE A 478 -11.41 -24.92 -16.45
CA ILE A 478 -11.73 -25.36 -15.10
C ILE A 478 -11.25 -26.78 -14.83
N GLU A 479 -11.45 -27.67 -15.79
CA GLU A 479 -11.08 -29.06 -15.58
C GLU A 479 -9.56 -29.24 -15.54
N SER A 480 -8.83 -28.32 -16.15
CA SER A 480 -7.38 -28.36 -16.12
C SER A 480 -6.85 -27.50 -14.97
N ASN A 481 -7.77 -26.95 -14.18
CA ASN A 481 -7.43 -26.00 -13.14
C ASN A 481 -6.49 -24.92 -13.67
N GLY A 482 -6.77 -24.46 -14.89
CA GLY A 482 -6.05 -23.34 -15.46
C GLY A 482 -4.93 -23.73 -16.37
N GLU A 483 -4.48 -24.97 -16.27
CA GLU A 483 -3.32 -25.43 -17.03
C GLU A 483 -3.50 -25.23 -18.54
N SER A 484 -4.75 -25.21 -18.98
CA SER A 484 -5.03 -25.11 -20.40
C SER A 484 -4.74 -23.69 -20.88
N LEU A 485 -4.69 -22.77 -19.94
CA LEU A 485 -4.40 -21.38 -20.26
C LEU A 485 -3.02 -21.22 -20.93
N PHE A 486 -2.15 -22.20 -20.74
CA PHE A 486 -0.81 -22.16 -21.34
C PHE A 486 -0.63 -23.25 -22.41
N THR B 18 -1.09 23.86 16.36
CA THR B 18 -1.03 24.25 14.96
C THR B 18 -0.80 23.03 14.08
N ILE B 19 -0.56 23.28 12.79
CA ILE B 19 -0.41 22.20 11.82
C ILE B 19 0.70 21.22 12.18
N PHE B 20 1.90 21.70 12.52
CA PHE B 20 2.89 20.78 13.05
C PHE B 20 2.50 20.54 14.50
N PRO B 21 2.68 19.29 14.98
CA PRO B 21 2.31 18.96 16.37
C PRO B 21 3.30 19.56 17.37
N ASP B 22 2.88 19.78 18.60
CA ASP B 22 3.74 20.41 19.60
C ASP B 22 5.02 19.64 19.82
N ASP B 23 4.94 18.33 19.69
CA ASP B 23 6.03 17.43 20.06
C ASP B 23 6.93 17.07 18.88
N PHE B 24 6.66 17.70 17.73
CA PHE B 24 7.45 17.47 16.52
C PHE B 24 8.93 17.71 16.82
N LEU B 25 9.79 16.83 16.28
CA LEU B 25 11.23 16.95 16.48
C LEU B 25 11.94 17.65 15.31
N TRP B 26 12.47 18.85 15.57
CA TRP B 26 13.17 19.63 14.55
C TRP B 26 14.67 19.59 14.75
N GLY B 27 15.43 19.24 13.72
CA GLY B 27 16.88 19.11 13.91
C GLY B 27 17.72 18.88 12.66
N GLY B 28 18.92 18.34 12.88
CA GLY B 28 19.86 18.06 11.80
C GLY B 28 20.60 16.76 12.06
N ALA B 29 21.24 16.21 11.02
CA ALA B 29 21.82 14.88 11.12
C ALA B 29 23.22 14.78 10.52
N VAL B 30 24.05 13.97 11.15
CA VAL B 30 25.35 13.63 10.61
C VAL B 30 25.59 12.16 10.85
N ALA B 31 26.64 11.63 10.24
CA ALA B 31 27.18 10.33 10.66
C ALA B 31 28.52 10.57 11.35
N ALA B 32 28.82 9.77 12.36
CA ALA B 32 30.02 10.00 13.18
C ALA B 32 31.30 10.11 12.35
N ASN B 33 31.47 9.21 11.39
CA ASN B 33 32.69 9.18 10.59
C ASN B 33 32.78 10.34 9.63
N GLN B 34 31.67 11.00 9.36
CA GLN B 34 31.66 12.08 8.38
C GLN B 34 32.00 13.43 9.01
N VAL B 35 32.07 13.44 10.34
CA VAL B 35 32.35 14.66 11.10
C VAL B 35 33.49 14.55 12.11
N GLU B 36 33.35 13.59 13.03
CA GLU B 36 34.13 13.56 14.26
C GLU B 36 35.63 13.81 14.13
N GLY B 37 36.26 13.23 13.12
CA GLY B 37 37.71 13.20 13.04
C GLY B 37 38.27 12.40 14.19
N ALA B 38 39.50 12.70 14.59
CA ALA B 38 40.11 12.00 15.70
C ALA B 38 40.12 10.48 15.44
N TYR B 39 40.48 10.10 14.23
CA TYR B 39 40.34 8.71 13.81
C TYR B 39 41.05 7.72 14.74
N ASN B 40 42.22 8.12 15.25
CA ASN B 40 43.00 7.27 16.16
C ASN B 40 42.97 7.55 17.67
N GLU B 41 42.21 8.55 18.11
CA GLU B 41 42.36 9.03 19.49
C GLU B 41 41.62 8.21 20.57
N ASP B 42 42.10 8.28 21.81
CA ASP B 42 41.39 7.71 22.95
C ASP B 42 41.02 6.24 22.77
N GLY B 43 41.88 5.50 22.08
CA GLY B 43 41.71 4.06 21.98
C GLY B 43 40.96 3.60 20.75
N LYS B 44 40.38 4.56 20.01
CA LYS B 44 39.56 4.25 18.84
C LYS B 44 40.25 3.34 17.81
N GLY B 45 39.53 2.30 17.39
CA GLY B 45 40.01 1.40 16.36
C GLY B 45 39.67 1.91 14.97
N LEU B 46 40.24 1.27 13.95
CA LEU B 46 39.93 1.66 12.59
C LEU B 46 38.55 1.16 12.18
N SER B 47 37.79 2.03 11.52
CA SER B 47 36.54 1.63 10.91
C SER B 47 36.84 1.33 9.45
N VAL B 48 35.82 0.91 8.72
CA VAL B 48 35.95 0.69 7.28
C VAL B 48 36.26 2.03 6.60
N GLN B 49 35.83 3.13 7.22
CA GLN B 49 35.91 4.45 6.61
C GLN B 49 37.31 5.08 6.61
N ASP B 50 38.13 4.75 7.60
CA ASP B 50 39.47 5.29 7.67
C ASP B 50 40.31 4.80 6.49
N VAL B 51 39.81 3.79 5.79
CA VAL B 51 40.51 3.27 4.62
C VAL B 51 39.76 3.61 3.34
N LEU B 52 38.83 4.54 3.44
CA LEU B 52 38.03 4.96 2.29
C LEU B 52 38.20 6.44 1.97
N PRO B 53 39.38 6.83 1.47
CA PRO B 53 39.72 8.24 1.22
C PRO B 53 38.95 8.87 0.06
N LYS B 54 38.51 8.04 -0.89
CA LYS B 54 37.65 8.50 -1.99
C LYS B 54 36.16 8.24 -1.73
N GLY B 55 35.84 7.71 -0.55
CA GLY B 55 34.45 7.46 -0.20
C GLY B 55 33.96 6.07 -0.57
N GLY B 56 32.64 5.90 -0.62
CA GLY B 56 32.03 4.60 -0.88
C GLY B 56 32.09 4.16 -2.32
N LEU B 57 32.03 5.11 -3.24
CA LEU B 57 32.21 4.85 -4.67
C LEU B 57 33.67 4.53 -5.00
N GLY B 58 34.57 4.87 -4.09
CA GLY B 58 35.99 4.67 -4.30
C GLY B 58 36.53 3.38 -3.73
N GLU B 59 37.85 3.19 -3.85
CA GLU B 59 38.48 1.94 -3.46
C GLU B 59 39.22 2.08 -2.14
N ALA B 60 39.29 0.97 -1.41
CA ALA B 60 39.94 0.95 -0.10
C ALA B 60 41.48 0.92 -0.19
N THR B 61 42.15 1.48 0.81
CA THR B 61 43.60 1.31 0.92
C THR B 61 43.90 0.26 1.97
N GLU B 62 45.18 -0.09 2.12
CA GLU B 62 45.55 -1.11 3.10
C GLU B 62 45.70 -0.54 4.51
N ASN B 63 45.95 0.76 4.58
CA ASN B 63 46.05 1.49 5.84
C ASN B 63 45.48 2.91 5.66
N PRO B 64 45.13 3.58 6.76
CA PRO B 64 44.66 4.97 6.66
C PRO B 64 45.72 5.86 5.98
N THR B 65 45.27 6.88 5.26
CA THR B 65 46.19 7.76 4.54
C THR B 65 45.78 9.23 4.69
N GLU B 66 46.77 10.12 4.78
CA GLU B 66 46.53 11.53 5.11
C GLU B 66 45.51 12.23 4.22
N ASP B 67 45.40 11.76 2.98
CA ASP B 67 44.43 12.29 2.00
C ASP B 67 42.99 11.84 2.28
N ASN B 68 42.82 10.99 3.28
CA ASN B 68 41.49 10.64 3.72
C ASN B 68 40.96 11.77 4.59
N LEU B 69 39.92 12.43 4.12
CA LEU B 69 39.41 13.60 4.82
C LEU B 69 38.74 13.24 6.14
N LYS B 70 38.41 11.96 6.30
CA LYS B 70 37.68 11.50 7.47
C LYS B 70 38.58 11.41 8.70
N LEU B 71 39.88 11.24 8.47
CA LEU B 71 40.84 11.15 9.57
C LEU B 71 40.72 12.34 10.51
N ILE B 72 40.71 13.54 9.95
CA ILE B 72 40.47 14.75 10.74
C ILE B 72 39.02 15.24 10.71
N GLY B 73 38.23 14.72 9.77
CA GLY B 73 36.84 15.12 9.64
C GLY B 73 36.69 16.62 9.67
N ILE B 74 35.64 17.10 10.34
CA ILE B 74 35.57 18.50 10.76
C ILE B 74 36.01 18.70 12.21
N ASP B 75 36.54 17.63 12.81
CA ASP B 75 36.98 17.64 14.21
C ASP B 75 35.85 17.85 15.21
N PHE B 76 34.69 17.27 14.91
CA PHE B 76 33.54 17.39 15.79
C PHE B 76 33.89 16.77 17.14
N TYR B 77 34.86 15.87 17.15
CA TYR B 77 35.27 15.19 18.38
C TYR B 77 35.65 16.17 19.49
N HIS B 78 36.24 17.29 19.10
CA HIS B 78 36.75 18.32 20.02
C HIS B 78 35.80 19.53 20.13
N LYS B 79 35.44 20.07 18.98
CA LYS B 79 34.63 21.28 18.87
C LYS B 79 33.14 20.97 19.04
N TYR B 80 32.83 19.72 19.37
CA TYR B 80 31.41 19.35 19.50
C TYR B 80 30.62 20.32 20.39
N LYS B 81 31.26 20.85 21.42
CA LYS B 81 30.60 21.81 22.30
C LYS B 81 30.22 23.11 21.59
N GLU B 82 31.15 23.64 20.81
CA GLU B 82 30.89 24.87 20.03
C GLU B 82 29.79 24.63 18.98
N ASP B 83 29.97 23.60 18.18
CA ASP B 83 28.97 23.27 17.17
C ASP B 83 27.60 23.11 17.81
N ILE B 84 27.51 22.34 18.88
CA ILE B 84 26.24 22.18 19.60
C ILE B 84 25.69 23.52 20.06
N SER B 85 26.57 24.43 20.44
CA SER B 85 26.12 25.77 20.75
C SER B 85 25.38 26.37 19.55
N LEU B 86 25.97 26.23 18.36
CA LEU B 86 25.30 26.70 17.13
C LEU B 86 23.94 26.03 16.89
N PHE B 87 23.91 24.71 17.03
CA PHE B 87 22.68 23.96 16.92
C PHE B 87 21.61 24.58 17.83
N SER B 88 21.94 24.72 19.11
CA SER B 88 20.99 25.28 20.08
C SER B 88 20.59 26.69 19.70
N GLU B 89 21.51 27.41 19.07
CA GLU B 89 21.18 28.72 18.52
C GLU B 89 20.06 28.59 17.50
N MET B 90 20.06 27.48 16.74
CA MET B 90 18.97 27.25 15.80
C MET B 90 17.69 26.78 16.48
N GLY B 91 17.83 26.24 17.69
CA GLY B 91 16.68 25.77 18.45
C GLY B 91 16.39 24.31 18.22
N PHE B 92 17.39 23.56 17.79
CA PHE B 92 17.23 22.12 17.60
C PHE B 92 16.69 21.51 18.85
N ASN B 93 15.60 20.74 18.75
CA ASN B 93 15.22 19.85 19.84
C ASN B 93 15.61 18.38 19.60
N VAL B 94 16.20 18.10 18.44
CA VAL B 94 16.73 16.77 18.19
C VAL B 94 17.97 16.88 17.33
N PHE B 95 18.91 15.97 17.52
CA PHE B 95 20.09 15.94 16.68
C PHE B 95 20.45 14.49 16.45
N ARG B 96 20.67 14.13 15.20
CA ARG B 96 20.96 12.74 14.89
C ARG B 96 22.40 12.55 14.55
N THR B 97 22.97 11.49 15.08
CA THR B 97 24.32 11.10 14.70
C THR B 97 24.43 9.63 15.00
N SER B 98 25.56 9.03 14.65
CA SER B 98 25.78 7.62 14.97
C SER B 98 26.79 7.52 16.10
N ILE B 99 26.67 6.47 16.91
CA ILE B 99 27.74 6.11 17.81
C ILE B 99 28.75 5.33 16.99
N ALA B 100 29.98 5.84 16.90
CA ALA B 100 31.01 5.16 16.13
C ALA B 100 31.38 3.87 16.84
N TRP B 101 31.19 2.77 16.13
CA TRP B 101 31.36 1.43 16.69
C TRP B 101 32.80 1.20 17.19
N SER B 102 33.79 1.57 16.38
CA SER B 102 35.20 1.40 16.74
C SER B 102 35.65 2.19 17.98
N ARG B 103 34.84 3.14 18.42
CA ARG B 103 35.18 3.86 19.65
C ARG B 103 34.72 3.10 20.90
N ILE B 104 33.90 2.08 20.70
CA ILE B 104 33.35 1.30 21.80
C ILE B 104 34.08 -0.04 21.85
N PHE B 105 34.06 -0.72 20.71
CA PHE B 105 34.84 -1.94 20.53
C PHE B 105 35.81 -1.71 19.39
N PRO B 106 37.03 -1.21 19.72
CA PRO B 106 38.00 -0.87 18.68
C PRO B 106 38.19 -2.00 17.68
N LYS B 107 38.36 -3.22 18.17
CA LYS B 107 38.34 -4.40 17.31
C LYS B 107 36.91 -4.89 17.06
N GLY B 108 36.09 -4.87 18.11
CA GLY B 108 34.73 -5.38 18.09
C GLY B 108 34.54 -6.70 18.82
N ASP B 109 35.62 -7.47 18.94
CA ASP B 109 35.59 -8.74 19.66
C ASP B 109 36.08 -8.62 21.11
N GLU B 110 36.33 -7.40 21.58
CA GLU B 110 36.79 -7.24 22.96
C GLU B 110 35.75 -7.67 23.96
N GLU B 111 36.21 -8.35 24.99
CA GLU B 111 35.35 -8.77 26.09
C GLU B 111 34.76 -7.58 26.84
N GLU B 112 35.56 -6.54 27.07
CA GLU B 112 35.05 -5.32 27.71
C GLU B 112 35.15 -4.11 26.77
N PRO B 113 34.20 -3.17 26.90
CA PRO B 113 34.19 -1.96 26.07
C PRO B 113 35.24 -0.95 26.50
N ASN B 114 35.55 -0.04 25.58
CA ASN B 114 36.48 1.07 25.79
C ASN B 114 35.78 2.19 26.56
N GLU B 115 36.28 2.51 27.75
CA GLU B 115 35.63 3.48 28.62
C GLU B 115 35.74 4.89 28.08
N ALA B 116 36.84 5.17 27.38
CA ALA B 116 37.05 6.50 26.82
C ALA B 116 35.96 6.85 25.80
N GLY B 117 35.56 5.87 24.99
CA GLY B 117 34.47 6.07 24.04
C GLY B 117 33.14 6.28 24.74
N LEU B 118 32.84 5.41 25.69
CA LEU B 118 31.60 5.54 26.46
C LEU B 118 31.50 6.91 27.12
N LYS B 119 32.57 7.34 27.78
CA LYS B 119 32.58 8.66 28.42
C LYS B 119 32.45 9.77 27.38
N TYR B 120 33.18 9.68 26.27
CA TYR B 120 32.99 10.63 25.18
C TYR B 120 31.50 10.83 24.80
N TYR B 121 30.82 9.76 24.41
CA TYR B 121 29.41 9.89 24.05
C TYR B 121 28.53 10.32 25.24
N ASP B 122 28.93 9.94 26.45
CA ASP B 122 28.28 10.43 27.66
C ASP B 122 28.28 11.97 27.71
N GLU B 123 29.43 12.57 27.44
CA GLU B 123 29.52 14.02 27.47
C GLU B 123 28.79 14.63 26.28
N LEU B 124 28.86 13.97 25.12
CA LEU B 124 28.10 14.41 23.95
C LEU B 124 26.60 14.54 24.27
N PHE B 125 25.98 13.43 24.62
CA PHE B 125 24.57 13.41 24.97
C PHE B 125 24.28 14.38 26.13
N ASP B 126 25.26 14.55 27.01
CA ASP B 126 25.14 15.48 28.14
C ASP B 126 25.08 16.97 27.75
N GLU B 127 25.87 17.37 26.75
CA GLU B 127 25.80 18.73 26.18
C GLU B 127 24.48 18.91 25.42
N LEU B 128 24.17 17.92 24.59
CA LEU B 128 22.92 17.95 23.85
C LEU B 128 21.79 18.23 24.83
N HIS B 129 21.67 17.40 25.85
CA HIS B 129 20.59 17.57 26.83
C HIS B 129 20.71 18.88 27.59
N ALA B 130 21.95 19.35 27.79
CA ALA B 130 22.18 20.66 28.41
C ALA B 130 21.47 21.75 27.64
N HIS B 131 21.37 21.58 26.32
CA HIS B 131 20.62 22.55 25.51
C HIS B 131 19.18 22.18 25.11
N GLY B 132 18.69 21.03 25.58
CA GLY B 132 17.32 20.64 25.29
C GLY B 132 17.19 19.89 23.99
N ILE B 133 18.28 19.25 23.58
CA ILE B 133 18.33 18.52 22.33
C ILE B 133 18.36 17.02 22.58
N GLU B 134 17.29 16.34 22.18
CA GLU B 134 17.26 14.90 22.24
C GLU B 134 18.17 14.31 21.17
N PRO B 135 19.05 13.39 21.57
CA PRO B 135 19.87 12.66 20.60
C PRO B 135 19.03 11.63 19.85
N LEU B 136 19.39 11.40 18.60
CA LEU B 136 18.79 10.35 17.80
C LEU B 136 19.98 9.57 17.29
N VAL B 137 20.07 8.31 17.70
CA VAL B 137 21.31 7.58 17.52
C VAL B 137 21.23 6.46 16.49
N THR B 138 21.94 6.61 15.38
CA THR B 138 22.06 5.52 14.45
C THR B 138 23.09 4.56 15.04
N LEU B 139 22.67 3.33 15.31
CA LEU B 139 23.61 2.36 15.89
C LEU B 139 24.71 2.02 14.90
N SER B 140 24.35 1.65 13.67
CA SER B 140 25.37 1.39 12.67
C SER B 140 25.20 2.25 11.42
N HIS B 141 26.08 3.25 11.26
CA HIS B 141 26.07 4.02 10.03
C HIS B 141 27.41 3.92 9.32
N TYR B 142 27.54 2.96 8.42
CA TYR B 142 28.74 2.78 7.60
C TYR B 142 30.10 2.90 8.35
N GLU B 143 30.10 2.57 9.64
CA GLU B 143 31.29 2.62 10.50
C GLU B 143 31.95 1.29 10.90
N THR B 144 31.56 0.18 10.29
CA THR B 144 31.99 -1.13 10.79
C THR B 144 33.50 -1.22 11.06
N PRO B 145 33.86 -1.69 12.26
CA PRO B 145 35.27 -1.82 12.62
C PRO B 145 36.04 -2.63 11.57
N LEU B 146 37.26 -2.20 11.27
CA LEU B 146 38.06 -2.84 10.26
C LEU B 146 38.44 -4.26 10.64
N TYR B 147 38.81 -4.47 11.90
CA TYR B 147 39.16 -5.81 12.36
C TYR B 147 38.11 -6.81 11.93
N LEU B 148 36.84 -6.52 12.24
CA LEU B 148 35.72 -7.41 11.88
C LEU B 148 35.53 -7.52 10.38
N ALA B 149 35.69 -6.41 9.66
CA ALA B 149 35.45 -6.40 8.24
C ALA B 149 36.46 -7.27 7.49
N ARG B 150 37.72 -7.22 7.93
CA ARG B 150 38.79 -8.00 7.33
C ARG B 150 38.70 -9.47 7.73
N LYS B 151 38.54 -9.70 9.03
CA LYS B 151 38.54 -11.04 9.60
C LYS B 151 37.33 -11.88 9.20
N TYR B 152 36.14 -11.30 9.36
CA TYR B 152 34.92 -12.02 9.01
C TYR B 152 34.38 -11.72 7.61
N HIS B 153 34.94 -10.72 6.93
CA HIS B 153 34.35 -10.22 5.69
C HIS B 153 32.95 -9.66 5.91
N GLY B 154 32.73 -9.07 7.09
CA GLY B 154 31.50 -8.38 7.40
C GLY B 154 30.25 -9.25 7.54
N TRP B 155 29.11 -8.69 7.14
CA TRP B 155 27.80 -9.30 7.37
C TRP B 155 27.52 -10.60 6.64
N VAL B 156 28.44 -11.00 5.78
CA VAL B 156 28.37 -12.30 5.14
C VAL B 156 28.51 -13.39 6.19
N ASP B 157 29.03 -13.02 7.35
CA ASP B 157 29.27 -13.96 8.43
C ASP B 157 28.28 -13.73 9.57
N ARG B 158 27.57 -14.80 9.91
CA ARG B 158 26.55 -14.78 10.96
C ARG B 158 27.06 -14.21 12.28
N ARG B 159 28.33 -14.44 12.60
CA ARG B 159 28.94 -13.91 13.82
C ARG B 159 28.75 -12.40 14.00
N MET B 160 28.60 -11.67 12.89
CA MET B 160 28.40 -10.23 12.99
C MET B 160 27.21 -9.89 13.88
N ILE B 161 26.16 -10.71 13.79
CA ILE B 161 24.99 -10.54 14.65
C ILE B 161 25.46 -10.46 16.09
N HIS B 162 26.22 -11.47 16.48
CA HIS B 162 26.79 -11.52 17.81
C HIS B 162 27.52 -10.21 18.11
N PHE B 163 28.46 -9.83 17.24
CA PHE B 163 29.30 -8.66 17.54
C PHE B 163 28.43 -7.43 17.60
N TYR B 164 27.36 -7.40 16.80
CA TYR B 164 26.55 -6.19 16.74
C TYR B 164 25.77 -6.13 18.04
N GLU B 165 25.30 -7.29 18.48
CA GLU B 165 24.45 -7.36 19.66
C GLU B 165 25.20 -6.87 20.91
N LYS B 166 26.36 -7.45 21.16
CA LYS B 166 27.20 -6.99 22.25
C LYS B 166 27.29 -5.46 22.15
N PHE B 167 27.71 -4.96 20.98
CA PHE B 167 27.93 -3.54 20.87
C PHE B 167 26.63 -2.83 21.25
N ALA B 168 25.55 -3.24 20.61
CA ALA B 168 24.29 -2.53 20.78
C ALA B 168 23.90 -2.57 22.25
N ARG B 169 24.06 -3.75 22.86
CA ARG B 169 23.60 -3.95 24.24
C ARG B 169 24.40 -3.03 25.17
N THR B 170 25.68 -2.85 24.86
CA THR B 170 26.51 -1.99 25.68
C THR B 170 26.00 -0.57 25.70
N VAL B 171 25.58 -0.07 24.54
CA VAL B 171 25.25 1.36 24.45
C VAL B 171 23.84 1.64 24.95
N LEU B 172 22.90 0.79 24.54
CA LEU B 172 21.53 0.89 25.02
C LEU B 172 21.57 0.92 26.54
N GLU B 173 22.40 0.06 27.12
CA GLU B 173 22.52 -0.05 28.57
C GLU B 173 23.15 1.19 29.18
N ARG B 174 24.13 1.75 28.48
CA ARG B 174 24.90 2.86 29.05
C ARG B 174 24.12 4.16 28.92
N TYR B 175 23.39 4.29 27.82
CA TYR B 175 22.65 5.51 27.50
C TYR B 175 21.16 5.46 27.83
N LYS B 176 20.73 4.40 28.49
CA LYS B 176 19.30 4.16 28.68
C LYS B 176 18.53 5.35 29.25
N ASP B 177 19.17 6.19 30.04
CA ASP B 177 18.49 7.39 30.51
C ASP B 177 18.78 8.63 29.67
N LYS B 178 19.81 8.56 28.83
CA LYS B 178 20.22 9.70 28.00
C LYS B 178 19.70 9.70 26.55
N VAL B 179 19.20 8.56 26.07
CA VAL B 179 18.79 8.43 24.67
C VAL B 179 17.46 7.70 24.51
N LYS B 180 16.47 8.39 23.97
CA LYS B 180 15.19 7.79 23.66
C LYS B 180 15.10 7.09 22.28
N TYR B 181 15.64 7.71 21.23
CA TYR B 181 15.40 7.26 19.84
C TYR B 181 16.59 6.57 19.18
N TRP B 182 16.38 5.33 18.77
CA TRP B 182 17.46 4.56 18.17
C TRP B 182 17.13 4.10 16.75
N LEU B 183 18.16 4.06 15.91
CA LEU B 183 18.05 3.45 14.59
C LEU B 183 19.01 2.28 14.54
N THR B 184 18.55 1.13 14.08
CA THR B 184 19.40 -0.05 14.07
C THR B 184 20.50 0.06 13.00
N PHE B 185 20.08 0.35 11.77
CA PHE B 185 20.99 0.41 10.64
C PHE B 185 20.63 1.59 9.74
N ASN B 186 21.59 2.02 8.92
CA ASN B 186 21.33 3.03 7.91
C ASN B 186 21.22 2.26 6.59
N GLU B 187 19.99 2.07 6.10
CA GLU B 187 19.73 1.40 4.83
C GLU B 187 20.32 -0.01 4.69
N VAL B 188 19.75 -1.02 5.32
CA VAL B 188 20.32 -2.36 5.15
C VAL B 188 20.57 -2.71 3.67
N ASN B 189 19.65 -2.31 2.80
CA ASN B 189 19.74 -2.69 1.39
C ASN B 189 20.95 -2.07 0.71
N SER B 190 21.45 -0.98 1.28
CA SER B 190 22.62 -0.33 0.72
C SER B 190 23.77 -1.34 0.60
N VAL B 191 23.68 -2.44 1.33
CA VAL B 191 24.66 -3.51 1.17
C VAL B 191 24.72 -3.99 -0.29
N LEU B 192 23.61 -3.84 -1.02
CA LEU B 192 23.51 -4.31 -2.39
C LEU B 192 24.50 -3.60 -3.31
N GLU B 193 24.50 -2.27 -3.26
CA GLU B 193 25.47 -1.47 -4.01
C GLU B 193 26.85 -1.35 -3.36
N LEU B 194 26.87 -1.27 -2.03
CA LEU B 194 28.09 -0.98 -1.29
C LEU B 194 28.43 -2.03 -0.21
N PRO B 195 28.89 -3.19 -0.64
CA PRO B 195 29.17 -4.32 0.26
C PRO B 195 30.17 -3.98 1.36
N PHE B 196 31.22 -3.27 0.98
CA PHE B 196 32.28 -2.93 1.90
C PHE B 196 31.96 -1.77 2.83
N THR B 197 31.45 -0.68 2.26
CA THR B 197 31.12 0.51 3.04
C THR B 197 30.03 0.24 4.08
N SER B 198 28.86 -0.19 3.63
CA SER B 198 27.74 -0.43 4.54
C SER B 198 27.84 -1.79 5.26
N GLY B 199 28.25 -2.81 4.52
CA GLY B 199 28.22 -4.17 5.05
C GLY B 199 29.53 -4.60 5.68
N GLY B 200 30.59 -3.86 5.42
CA GLY B 200 31.90 -4.20 5.95
C GLY B 200 32.42 -5.45 5.26
N ILE B 201 31.95 -5.69 4.05
CA ILE B 201 32.24 -6.95 3.37
C ILE B 201 33.53 -6.87 2.55
N ASP B 202 34.52 -7.63 2.99
CA ASP B 202 35.91 -7.52 2.54
C ASP B 202 36.09 -8.01 1.10
N ILE B 203 35.22 -8.93 0.69
CA ILE B 203 35.32 -9.57 -0.61
C ILE B 203 35.02 -8.62 -1.78
N PRO B 204 35.80 -8.72 -2.87
CA PRO B 204 35.66 -7.84 -4.03
C PRO B 204 34.30 -7.99 -4.71
N LYS B 205 34.06 -7.19 -5.74
CA LYS B 205 32.73 -7.10 -6.33
C LYS B 205 32.35 -8.29 -7.21
N GLU B 206 33.27 -8.72 -8.08
CA GLU B 206 32.97 -9.81 -9.01
C GLU B 206 32.80 -11.15 -8.28
N ASN B 207 33.26 -11.20 -7.04
CA ASN B 207 33.19 -12.44 -6.25
C ASN B 207 31.93 -12.59 -5.38
N LEU B 208 31.09 -11.55 -5.35
CA LEU B 208 29.86 -11.57 -4.54
C LEU B 208 28.64 -11.88 -5.38
N SER B 209 27.98 -12.99 -5.10
CA SER B 209 26.72 -13.30 -5.78
C SER B 209 25.57 -12.58 -5.10
N LYS B 210 24.37 -12.70 -5.65
CA LYS B 210 23.20 -12.05 -5.05
C LYS B 210 22.73 -12.82 -3.80
N GLN B 211 22.98 -14.13 -3.82
CA GLN B 211 22.72 -14.99 -2.67
C GLN B 211 23.52 -14.50 -1.45
N GLU B 212 24.78 -14.15 -1.67
CA GLU B 212 25.62 -13.67 -0.59
C GLU B 212 25.11 -12.35 -0.02
N LEU B 213 24.87 -11.37 -0.90
CA LEU B 213 24.42 -10.06 -0.46
C LEU B 213 23.09 -10.15 0.29
N TYR B 214 22.15 -10.90 -0.27
CA TYR B 214 20.89 -11.05 0.43
C TYR B 214 21.03 -11.81 1.76
N GLN B 215 21.91 -12.79 1.82
CA GLN B 215 22.17 -13.45 3.08
C GLN B 215 22.70 -12.45 4.13
N ALA B 216 23.59 -11.57 3.69
CA ALA B 216 24.15 -10.56 4.58
C ALA B 216 23.03 -9.67 5.09
N ILE B 217 22.13 -9.30 4.18
CA ILE B 217 21.01 -8.46 4.55
C ILE B 217 20.13 -9.18 5.56
N HIS B 218 20.02 -10.49 5.39
CA HIS B 218 19.21 -11.29 6.28
C HIS B 218 19.80 -11.18 7.69
N HIS B 219 21.12 -11.37 7.79
CA HIS B 219 21.80 -11.20 9.07
C HIS B 219 21.55 -9.83 9.67
N GLU B 220 21.57 -8.80 8.83
CA GLU B 220 21.23 -7.48 9.30
C GLU B 220 19.82 -7.38 9.88
N LEU B 221 18.84 -8.00 9.21
CA LEU B 221 17.46 -7.89 9.66
C LEU B 221 17.24 -8.67 10.97
N VAL B 222 17.80 -9.86 11.03
CA VAL B 222 17.77 -10.63 12.25
C VAL B 222 18.37 -9.82 13.39
N ALA B 223 19.57 -9.27 13.15
CA ALA B 223 20.26 -8.46 14.14
C ALA B 223 19.40 -7.29 14.60
N SER B 224 18.72 -6.66 13.64
CA SER B 224 17.86 -5.52 13.93
C SER B 224 16.75 -5.93 14.89
N SER B 225 16.15 -7.08 14.59
CA SER B 225 15.11 -7.61 15.46
C SER B 225 15.66 -7.91 16.86
N LEU B 226 16.72 -8.71 16.92
CA LEU B 226 17.38 -9.06 18.15
C LEU B 226 17.65 -7.84 19.01
N VAL B 227 18.02 -6.75 18.36
CA VAL B 227 18.44 -5.55 19.08
C VAL B 227 17.21 -4.80 19.55
N THR B 228 16.12 -4.97 18.82
CA THR B 228 14.83 -4.43 19.26
C THR B 228 14.30 -5.15 20.51
N LYS B 229 14.45 -6.47 20.52
CA LYS B 229 14.11 -7.30 21.66
C LYS B 229 14.90 -6.80 22.86
N ILE B 230 16.21 -6.75 22.69
CA ILE B 230 17.11 -6.32 23.75
C ILE B 230 16.74 -4.94 24.28
N ALA B 231 16.61 -3.98 23.36
CA ALA B 231 16.23 -2.61 23.72
C ALA B 231 14.95 -2.58 24.54
N ARG B 232 13.95 -3.35 24.14
CA ARG B 232 12.69 -3.38 24.87
C ARG B 232 12.88 -3.94 26.28
N GLU B 233 13.79 -4.90 26.42
CA GLU B 233 14.10 -5.46 27.72
C GLU B 233 14.80 -4.45 28.62
N ILE B 234 15.69 -3.65 28.04
CA ILE B 234 16.48 -2.66 28.78
C ILE B 234 15.67 -1.42 29.19
N ASN B 235 14.98 -0.79 28.24
CA ASN B 235 14.10 0.33 28.56
C ASN B 235 12.78 0.32 27.75
N SER B 236 11.66 0.20 28.45
CA SER B 236 10.38 0.05 27.78
C SER B 236 9.92 1.35 27.12
N GLU B 237 10.65 2.43 27.36
CA GLU B 237 10.34 3.72 26.74
C GLU B 237 11.15 4.03 25.49
N PHE B 238 12.10 3.15 25.15
CA PHE B 238 12.87 3.28 23.92
C PHE B 238 11.94 3.25 22.69
N LYS B 239 12.13 4.18 21.77
CA LYS B 239 11.53 4.06 20.45
C LYS B 239 12.63 3.58 19.51
N VAL B 240 12.40 2.45 18.86
CA VAL B 240 13.40 1.88 17.96
C VAL B 240 12.86 1.86 16.55
N GLY B 241 13.71 2.19 15.58
CA GLY B 241 13.21 2.39 14.23
C GLY B 241 14.16 1.90 13.16
N CYS B 242 13.61 1.73 11.97
CA CYS B 242 14.41 1.25 10.85
C CYS B 242 14.77 2.44 9.98
N MET B 243 15.90 2.41 9.31
CA MET B 243 16.25 3.53 8.41
C MET B 243 16.33 3.03 6.96
N VAL B 244 15.62 3.73 6.07
CA VAL B 244 15.44 3.25 4.71
C VAL B 244 15.57 4.39 3.68
N LEU B 245 15.95 4.06 2.45
CA LEU B 245 16.00 5.05 1.39
C LEU B 245 14.63 5.19 0.75
N ALA B 246 14.13 6.41 0.66
CA ALA B 246 12.85 6.66 0.04
C ALA B 246 13.08 7.14 -1.37
N MET B 247 12.56 6.39 -2.32
CA MET B 247 12.61 6.73 -3.72
C MET B 247 11.27 6.43 -4.40
N PRO B 248 10.33 7.40 -4.38
CA PRO B 248 9.09 7.22 -5.14
C PRO B 248 9.36 7.11 -6.63
N ALA B 249 8.72 6.15 -7.28
CA ALA B 249 8.84 5.96 -8.73
C ALA B 249 7.53 6.33 -9.44
N TYR B 250 7.66 6.94 -10.62
CA TYR B 250 6.51 7.31 -11.46
C TYR B 250 6.68 6.69 -12.84
N PRO B 251 5.58 6.22 -13.45
CA PRO B 251 5.68 5.73 -14.82
C PRO B 251 5.76 6.89 -15.83
N MET B 252 6.61 6.71 -16.84
CA MET B 252 6.79 7.68 -17.91
C MET B 252 5.48 7.96 -18.66
N THR B 253 4.65 6.90 -18.80
CA THR B 253 3.34 6.98 -19.47
C THR B 253 2.27 6.06 -18.81
N PRO B 254 0.99 6.37 -19.05
CA PRO B 254 -0.20 5.60 -18.63
C PRO B 254 -0.26 4.17 -19.17
N ASN B 255 0.63 3.81 -20.09
CA ASN B 255 0.73 2.42 -20.51
C ASN B 255 0.86 1.54 -19.28
N PRO B 256 -0.06 0.55 -19.14
CA PRO B 256 -0.08 -0.32 -17.96
C PRO B 256 1.19 -1.15 -17.85
N LYS B 257 1.92 -1.29 -18.95
CA LYS B 257 3.19 -1.96 -18.90
C LYS B 257 4.21 -1.12 -18.10
N ASP B 258 4.23 0.19 -18.33
CA ASP B 258 5.11 1.10 -17.58
C ASP B 258 4.70 1.15 -16.12
N VAL B 259 3.40 1.05 -15.88
CA VAL B 259 2.86 1.10 -14.52
C VAL B 259 3.26 -0.17 -13.75
N TRP B 260 3.27 -1.29 -14.46
CA TRP B 260 3.71 -2.52 -13.82
C TRP B 260 5.23 -2.46 -13.56
N ALA B 261 5.99 -1.99 -14.56
CA ALA B 261 7.43 -1.83 -14.42
C ALA B 261 7.77 -0.99 -13.19
N THR B 262 7.04 0.11 -13.05
CA THR B 262 7.24 1.02 -11.93
C THR B 262 6.99 0.27 -10.61
N HIS B 263 5.91 -0.52 -10.59
CA HIS B 263 5.58 -1.31 -9.40
C HIS B 263 6.71 -2.27 -9.02
N GLU B 264 7.22 -2.98 -10.02
CA GLU B 264 8.26 -3.96 -9.84
C GLU B 264 9.48 -3.27 -9.22
N TYR B 265 9.87 -2.14 -9.81
CA TYR B 265 11.00 -1.38 -9.30
C TYR B 265 10.84 -1.02 -7.82
N GLU B 266 9.71 -0.45 -7.45
CA GLU B 266 9.52 -0.12 -6.05
C GLU B 266 9.59 -1.34 -5.14
N ASN B 267 9.20 -2.52 -5.62
CA ASN B 267 9.32 -3.72 -4.78
C ASN B 267 10.77 -3.95 -4.29
N LEU B 268 11.75 -3.57 -5.11
CA LEU B 268 13.17 -3.70 -4.76
C LEU B 268 13.49 -3.00 -3.44
N ASN B 269 12.93 -1.83 -3.26
CA ASN B 269 13.08 -1.10 -2.01
C ASN B 269 12.14 -1.61 -0.92
N TYR B 270 10.91 -1.97 -1.31
CA TYR B 270 9.87 -2.32 -0.34
C TYR B 270 10.17 -3.60 0.40
N LEU B 271 10.89 -4.50 -0.24
CA LEU B 271 11.27 -5.78 0.36
C LEU B 271 11.73 -5.62 1.80
N PHE B 272 12.67 -4.70 2.01
CA PHE B 272 13.34 -4.53 3.29
C PHE B 272 12.46 -3.82 4.30
N SER B 273 11.82 -2.74 3.87
CA SER B 273 10.90 -2.04 4.75
C SER B 273 9.82 -3.03 5.25
N ASP B 274 9.41 -3.94 4.38
CA ASP B 274 8.42 -4.97 4.73
C ASP B 274 8.94 -5.95 5.79
N VAL B 275 10.15 -6.47 5.62
CA VAL B 275 10.69 -7.32 6.69
C VAL B 275 10.73 -6.53 8.00
N HIS B 276 11.24 -5.30 7.96
CA HIS B 276 11.41 -4.50 9.18
C HIS B 276 10.09 -4.28 9.92
N VAL B 277 9.10 -3.77 9.18
CA VAL B 277 7.83 -3.37 9.75
C VAL B 277 6.84 -4.53 9.96
N ARG B 278 6.68 -5.35 8.93
CA ARG B 278 5.68 -6.44 8.92
C ARG B 278 6.18 -7.73 9.59
N GLY B 279 7.48 -7.96 9.55
CA GLY B 279 8.08 -9.07 10.27
C GLY B 279 8.22 -10.40 9.53
N TYR B 280 8.29 -10.34 8.20
CA TYR B 280 8.54 -11.56 7.42
C TYR B 280 8.74 -11.16 5.97
N TYR B 281 9.40 -12.00 5.19
CA TYR B 281 9.65 -11.68 3.79
C TYR B 281 8.32 -11.65 3.05
N PRO B 282 8.11 -10.58 2.27
CA PRO B 282 6.87 -10.28 1.55
C PRO B 282 6.60 -11.29 0.45
N ASN B 283 5.33 -11.43 0.09
CA ASN B 283 4.87 -12.44 -0.86
C ASN B 283 5.57 -12.44 -2.24
N TYR B 284 5.90 -11.26 -2.75
CA TYR B 284 6.60 -11.13 -4.04
C TYR B 284 8.09 -11.55 -3.97
N ALA B 285 8.60 -11.69 -2.75
CA ALA B 285 9.97 -12.10 -2.57
C ALA B 285 10.20 -13.52 -3.07
N LYS B 286 9.21 -14.41 -2.90
CA LYS B 286 9.38 -15.81 -3.30
C LYS B 286 9.72 -15.90 -4.79
N ARG B 287 8.92 -15.20 -5.60
CA ARG B 287 9.17 -15.14 -7.04
C ARG B 287 10.51 -14.47 -7.33
N TYR B 288 10.76 -13.32 -6.71
CA TYR B 288 12.02 -12.61 -7.00
C TYR B 288 13.27 -13.45 -6.71
N PHE B 289 13.25 -14.16 -5.59
CA PHE B 289 14.40 -14.96 -5.17
C PHE B 289 14.55 -16.13 -6.10
N LYS B 290 13.44 -16.82 -6.40
CA LYS B 290 13.51 -17.94 -7.34
C LYS B 290 14.11 -17.50 -8.68
N GLU B 291 13.64 -16.37 -9.19
CA GLU B 291 14.10 -15.89 -10.48
C GLU B 291 15.55 -15.44 -10.45
N ASN B 292 16.00 -14.95 -9.30
CA ASN B 292 17.38 -14.52 -9.11
C ASN B 292 18.35 -15.49 -8.42
N ASP B 293 17.90 -16.71 -8.18
CA ASP B 293 18.77 -17.73 -7.57
C ASP B 293 19.15 -17.39 -6.13
N ILE B 294 18.22 -16.82 -5.39
CA ILE B 294 18.44 -16.47 -4.00
C ILE B 294 17.68 -17.40 -3.07
N ASN B 295 18.39 -18.07 -2.17
CA ASN B 295 17.73 -18.92 -1.18
C ASN B 295 18.29 -18.62 0.21
N ILE B 296 17.45 -18.04 1.07
CA ILE B 296 17.92 -17.52 2.34
C ILE B 296 18.02 -18.62 3.38
N GLU B 297 19.19 -18.83 3.93
CA GLU B 297 19.30 -19.80 5.01
C GLU B 297 18.81 -19.17 6.32
N PHE B 298 17.74 -19.73 6.88
CA PHE B 298 17.20 -19.28 8.15
C PHE B 298 17.80 -20.11 9.27
N ALA B 299 18.17 -19.45 10.36
CA ALA B 299 18.44 -20.17 11.60
C ALA B 299 17.07 -20.45 12.18
N ALA B 300 16.96 -21.54 12.92
CA ALA B 300 15.66 -22.02 13.41
C ALA B 300 14.82 -20.96 14.11
N GLU B 301 15.48 -20.04 14.80
CA GLU B 301 14.79 -19.01 15.57
C GLU B 301 14.50 -17.73 14.78
N ASP B 302 15.02 -17.65 13.55
CA ASP B 302 15.02 -16.39 12.80
C ASP B 302 13.64 -15.81 12.55
N ALA B 303 12.76 -16.64 11.99
CA ALA B 303 11.45 -16.19 11.55
C ALA B 303 10.63 -15.60 12.70
N GLU B 304 10.68 -16.25 13.87
CA GLU B 304 9.87 -15.79 14.99
C GLU B 304 10.44 -14.52 15.59
N LEU B 305 11.75 -14.37 15.46
CA LEU B 305 12.42 -13.15 15.89
C LEU B 305 11.99 -11.99 14.98
N LEU B 306 12.11 -12.19 13.67
CA LEU B 306 11.71 -11.19 12.71
C LEU B 306 10.25 -10.79 12.93
N LYS B 307 9.42 -11.80 13.17
CA LYS B 307 7.97 -11.63 13.27
C LYS B 307 7.54 -10.93 14.55
N ASN B 308 8.08 -11.40 15.68
CA ASN B 308 7.73 -10.86 17.00
C ASN B 308 8.40 -9.51 17.32
N TYR B 309 9.55 -9.23 16.73
CA TYR B 309 10.17 -7.93 16.96
C TYR B 309 10.34 -7.09 15.69
N THR B 310 9.42 -6.15 15.52
CA THR B 310 9.39 -5.27 14.34
C THR B 310 9.48 -3.85 14.87
N VAL B 311 9.79 -2.91 14.00
CA VAL B 311 10.12 -1.57 14.43
C VAL B 311 8.93 -0.75 14.92
N ASP B 312 9.21 0.19 15.82
CA ASP B 312 8.22 1.11 16.35
C ASP B 312 7.95 2.25 15.37
N PHE B 313 8.92 2.50 14.50
CA PHE B 313 8.76 3.53 13.48
C PHE B 313 9.72 3.33 12.32
N LEU B 314 9.39 3.96 11.20
CA LEU B 314 10.22 3.93 10.02
C LEU B 314 10.75 5.33 9.70
N SER B 315 12.06 5.43 9.55
CA SER B 315 12.71 6.67 9.15
C SER B 315 13.30 6.43 7.77
N PHE B 316 13.46 7.50 7.01
CA PHE B 316 14.02 7.36 5.67
C PHE B 316 14.81 8.58 5.24
N SER B 317 15.59 8.45 4.18
CA SER B 317 16.16 9.64 3.58
C SER B 317 15.42 9.93 2.29
N TYR B 318 15.18 11.20 2.02
CA TYR B 318 14.60 11.56 0.75
C TYR B 318 15.34 12.69 0.06
N TYR B 319 15.63 12.48 -1.22
CA TYR B 319 16.27 13.48 -2.06
C TYR B 319 15.45 13.69 -3.35
N MET B 320 15.23 12.61 -4.09
CA MET B 320 14.60 12.69 -5.39
C MET B 320 13.57 11.58 -5.67
N SER B 321 12.73 11.81 -6.68
CA SER B 321 11.91 10.74 -7.24
C SER B 321 12.64 10.14 -8.43
N VAL B 322 12.04 9.13 -9.04
CA VAL B 322 12.63 8.52 -10.23
C VAL B 322 11.51 8.10 -11.19
N THR B 323 11.84 7.99 -12.47
CA THR B 323 10.87 7.68 -13.50
C THR B 323 11.22 6.36 -14.15
N GLN B 324 10.21 5.53 -14.40
CA GLN B 324 10.44 4.21 -14.95
C GLN B 324 9.63 3.97 -16.22
N SER B 325 10.13 3.05 -17.03
CA SER B 325 9.50 2.66 -18.27
C SER B 325 9.82 1.19 -18.51
N ALA B 326 8.88 0.47 -19.11
CA ALA B 326 9.10 -0.93 -19.43
C ALA B 326 10.04 -1.04 -20.62
N LEU B 327 10.18 0.06 -21.35
CA LEU B 327 11.01 0.11 -22.56
C LEU B 327 11.84 1.39 -22.65
N PRO B 328 12.79 1.55 -21.72
CA PRO B 328 13.56 2.80 -21.57
C PRO B 328 14.40 3.18 -22.80
N THR B 329 14.88 2.20 -23.55
CA THR B 329 15.71 2.51 -24.72
C THR B 329 14.92 3.27 -25.78
N GLN B 330 13.62 3.42 -25.57
CA GLN B 330 12.80 4.17 -26.51
C GLN B 330 12.98 5.67 -26.30
N TYR B 331 13.49 6.06 -25.13
CA TYR B 331 13.71 7.47 -24.84
C TYR B 331 15.04 8.04 -25.29
N ASN B 332 16.00 7.15 -25.54
CA ASN B 332 17.31 7.57 -26.04
C ASN B 332 17.99 8.59 -25.13
N SER B 333 17.58 8.62 -23.86
CA SER B 333 18.26 9.40 -22.82
C SER B 333 17.47 9.30 -21.51
N GLY B 334 18.12 9.64 -20.40
CA GLY B 334 17.50 9.54 -19.10
C GLY B 334 18.34 8.72 -18.13
N GLY B 341 17.99 5.73 -14.60
CA GLY B 341 17.87 6.75 -15.62
C GLY B 341 16.45 7.28 -15.75
N LEU B 342 16.08 7.72 -16.95
CA LEU B 342 14.82 8.42 -17.12
C LEU B 342 14.73 9.78 -16.41
N VAL B 343 15.14 10.81 -17.13
CA VAL B 343 14.87 12.17 -16.71
C VAL B 343 13.35 12.44 -16.71
N ASN B 344 12.86 13.09 -15.65
CA ASN B 344 11.48 13.55 -15.59
C ASN B 344 11.33 14.90 -16.29
N PRO B 345 10.58 14.93 -17.41
CA PRO B 345 10.49 16.18 -18.16
C PRO B 345 10.03 17.35 -17.30
N TYR B 346 9.37 17.09 -16.18
CA TYR B 346 8.71 18.17 -15.45
C TYR B 346 9.45 18.78 -14.25
N LEU B 347 10.61 18.24 -13.89
CA LEU B 347 11.29 18.68 -12.66
C LEU B 347 12.51 19.57 -12.93
N GLU B 348 12.76 20.53 -12.04
CA GLU B 348 13.99 21.30 -12.08
C GLU B 348 15.17 20.46 -11.59
N SER B 349 16.38 20.88 -11.92
CA SER B 349 17.57 20.14 -11.50
C SER B 349 18.50 21.04 -10.67
N SER B 350 19.21 20.43 -9.72
CA SER B 350 20.13 21.20 -8.90
C SER B 350 21.38 21.55 -9.70
N GLU B 351 22.03 22.64 -9.31
CA GLU B 351 23.26 23.08 -9.96
C GLU B 351 24.19 21.89 -10.09
N TRP B 352 24.23 21.09 -9.03
CA TRP B 352 25.05 19.89 -9.02
C TRP B 352 24.55 18.84 -10.01
N GLY B 353 23.28 18.93 -10.40
CA GLY B 353 22.73 17.99 -11.37
C GLY B 353 21.73 16.94 -10.93
N TRP B 354 21.32 16.94 -9.66
CA TRP B 354 20.21 16.10 -9.23
C TRP B 354 18.87 16.81 -9.51
N GLN B 355 17.84 16.03 -9.84
CA GLN B 355 16.49 16.56 -10.04
C GLN B 355 15.81 16.86 -8.70
N ILE B 356 14.99 17.89 -8.68
CA ILE B 356 14.30 18.34 -7.46
C ILE B 356 12.78 18.04 -7.53
N ASP B 357 12.25 17.37 -6.51
CA ASP B 357 10.85 16.93 -6.50
C ASP B 357 10.24 17.00 -5.11
N PRO B 358 9.84 18.19 -4.68
CA PRO B 358 9.25 18.35 -3.36
C PRO B 358 7.94 17.60 -3.17
N ILE B 359 7.10 17.54 -4.19
CA ILE B 359 5.81 16.84 -4.06
C ILE B 359 6.05 15.36 -3.86
N GLY B 360 7.13 14.86 -4.44
CA GLY B 360 7.53 13.47 -4.26
C GLY B 360 7.70 13.09 -2.79
N LEU B 361 7.98 14.07 -1.95
CA LEU B 361 8.13 13.82 -0.51
C LEU B 361 6.76 13.53 0.09
N ARG B 362 5.76 14.30 -0.33
CA ARG B 362 4.36 14.06 0.07
C ARG B 362 3.88 12.71 -0.42
N ILE B 363 4.19 12.42 -1.68
CA ILE B 363 3.79 11.16 -2.27
C ILE B 363 4.37 9.97 -1.51
N ILE B 364 5.66 10.06 -1.16
CA ILE B 364 6.30 8.92 -0.50
C ILE B 364 5.90 8.80 0.98
N LEU B 365 5.76 9.94 1.67
CA LEU B 365 5.24 9.88 3.02
C LEU B 365 3.92 9.11 2.98
N ASN B 366 3.03 9.50 2.07
CA ASN B 366 1.74 8.83 1.95
C ASN B 366 1.81 7.37 1.55
N ARG B 367 2.68 7.02 0.62
CA ARG B 367 2.75 5.61 0.24
C ARG B 367 3.20 4.76 1.43
N TYR B 368 4.22 5.24 2.13
CA TYR B 368 4.71 4.51 3.30
C TYR B 368 3.62 4.39 4.38
N TYR B 369 2.93 5.48 4.67
CA TYR B 369 1.92 5.43 5.73
C TYR B 369 0.73 4.56 5.35
N ASP B 370 0.32 4.64 4.09
CA ASP B 370 -0.77 3.81 3.57
C ASP B 370 -0.44 2.34 3.75
N ARG B 371 0.79 1.98 3.42
CA ARG B 371 1.22 0.58 3.56
C ARG B 371 1.37 0.11 5.02
N TYR B 372 2.16 0.85 5.79
CA TYR B 372 2.54 0.48 7.17
C TYR B 372 1.65 0.91 8.34
N GLN B 373 1.13 2.13 8.28
CA GLN B 373 0.34 2.65 9.40
C GLN B 373 1.14 2.76 10.71
N ILE B 374 2.39 3.23 10.62
CA ILE B 374 3.19 3.60 11.80
C ILE B 374 3.88 4.93 11.63
N PRO B 375 4.24 5.57 12.74
CA PRO B 375 4.89 6.89 12.68
C PRO B 375 6.09 6.92 11.74
N LEU B 376 6.20 7.99 10.96
CA LEU B 376 7.34 8.17 10.06
C LEU B 376 8.28 9.26 10.58
N PHE B 377 9.56 9.16 10.23
CA PHE B 377 10.58 10.15 10.62
C PHE B 377 11.47 10.48 9.41
N ILE B 378 11.53 11.75 9.00
CA ILE B 378 12.40 12.09 7.88
C ILE B 378 13.75 12.44 8.50
N VAL B 379 14.71 11.51 8.40
CA VAL B 379 16.00 11.68 9.07
C VAL B 379 17.16 12.09 8.17
N GLU B 380 16.91 12.12 6.87
CA GLU B 380 17.89 12.70 5.96
C GLU B 380 17.20 13.42 4.80
N ASN B 381 17.39 14.73 4.71
CA ASN B 381 16.93 15.51 3.57
C ASN B 381 17.76 16.79 3.45
N GLY B 382 18.02 17.23 2.22
CA GLY B 382 18.78 18.45 2.00
C GLY B 382 19.19 18.68 0.57
N LEU B 383 19.85 19.79 0.33
CA LEU B 383 20.32 20.17 -1.00
C LEU B 383 21.85 20.31 -1.00
N GLY B 384 22.52 19.45 -1.75
CA GLY B 384 23.95 19.58 -2.01
C GLY B 384 24.30 20.68 -3.01
N ALA B 385 25.19 21.59 -2.63
CA ALA B 385 25.66 22.65 -3.51
C ALA B 385 27.10 23.04 -3.19
N LYS B 386 27.75 23.73 -4.12
CA LYS B 386 29.12 24.11 -3.89
C LYS B 386 29.05 25.55 -3.38
N ASP B 387 29.21 25.68 -2.07
CA ASP B 387 28.87 26.93 -1.41
C ASP B 387 30.06 27.85 -1.43
N GLN B 388 29.82 29.10 -1.80
CA GLN B 388 30.88 30.10 -1.77
C GLN B 388 30.78 30.95 -0.51
N LEU B 389 31.82 30.93 0.31
CA LEU B 389 31.89 31.80 1.48
C LEU B 389 32.38 33.16 1.02
N ILE B 390 31.56 34.19 1.24
CA ILE B 390 31.92 35.55 0.85
C ILE B 390 31.41 36.55 1.89
N LYS B 391 31.97 37.76 1.89
CA LYS B 391 31.51 38.79 2.82
C LYS B 391 30.24 39.46 2.28
N ASP B 392 29.25 39.64 3.15
CA ASP B 392 28.03 40.33 2.77
C ASP B 392 28.16 41.85 2.91
N GLU B 393 27.05 42.56 2.79
CA GLU B 393 27.05 44.02 2.91
C GLU B 393 27.33 44.46 4.34
N LEU B 394 27.02 43.58 5.28
CA LEU B 394 27.25 43.83 6.70
C LEU B 394 28.68 43.46 7.09
N ASN B 395 29.48 43.06 6.11
CA ASN B 395 30.85 42.61 6.34
C ASN B 395 31.01 41.23 7.00
N ASN B 396 29.91 40.58 7.32
CA ASN B 396 29.93 39.22 7.84
C ASN B 396 30.20 38.19 6.75
N LEU B 397 31.09 37.25 7.01
CA LEU B 397 31.32 36.16 6.06
C LEU B 397 30.18 35.16 6.14
N THR B 398 29.50 34.94 5.02
CA THR B 398 28.36 34.02 5.00
C THR B 398 28.33 33.28 3.68
N VAL B 399 27.27 32.51 3.51
CA VAL B 399 26.90 31.98 2.21
C VAL B 399 25.48 32.46 1.99
N GLN B 400 25.21 33.11 0.86
CA GLN B 400 23.82 33.42 0.61
C GLN B 400 23.31 32.21 -0.13
N ASP B 401 22.59 31.34 0.57
CA ASP B 401 21.95 30.24 -0.12
C ASP B 401 20.46 30.43 -0.01
N ASP B 402 19.88 31.01 -1.05
CA ASP B 402 18.46 31.21 -1.09
C ASP B 402 17.87 29.98 -1.76
N TYR B 403 18.75 29.25 -2.43
CA TYR B 403 18.39 28.02 -3.13
C TYR B 403 18.17 26.88 -2.14
N ARG B 404 18.97 26.86 -1.08
CA ARG B 404 18.79 25.87 -0.03
C ARG B 404 17.56 26.24 0.80
N ILE B 405 17.38 27.53 1.04
CA ILE B 405 16.19 27.98 1.75
C ILE B 405 14.92 27.62 0.97
N GLN B 406 14.98 27.73 -0.36
CA GLN B 406 13.81 27.45 -1.18
C GLN B 406 13.54 25.96 -1.26
N TYR B 407 14.60 25.17 -1.40
CA TYR B 407 14.50 23.73 -1.42
C TYR B 407 13.87 23.22 -0.13
N MET B 408 14.41 23.68 1.00
CA MET B 408 13.88 23.26 2.30
C MET B 408 12.44 23.76 2.51
N LYS B 409 12.15 25.00 2.12
CA LYS B 409 10.81 25.54 2.28
C LYS B 409 9.78 24.69 1.52
N GLU B 410 10.11 24.37 0.27
CA GLU B 410 9.19 23.61 -0.54
C GLU B 410 8.97 22.21 0.03
N HIS B 411 10.08 21.57 0.41
CA HIS B 411 10.00 20.22 0.97
C HIS B 411 9.20 20.16 2.28
N LEU B 412 9.36 21.17 3.13
CA LEU B 412 8.67 21.21 4.41
C LEU B 412 7.18 21.61 4.26
N LEU B 413 6.86 22.38 3.24
CA LEU B 413 5.46 22.64 2.94
C LEU B 413 4.77 21.33 2.51
N GLN B 414 5.49 20.51 1.76
CA GLN B 414 4.94 19.21 1.41
C GLN B 414 4.83 18.32 2.64
N VAL B 415 5.80 18.43 3.54
CA VAL B 415 5.71 17.69 4.79
C VAL B 415 4.43 18.10 5.51
N ALA B 416 4.12 19.40 5.47
CA ALA B 416 2.91 19.93 6.07
C ALA B 416 1.63 19.37 5.43
N GLU B 417 1.61 19.29 4.09
CA GLU B 417 0.48 18.66 3.39
C GLU B 417 0.28 17.22 3.87
N ALA B 418 1.35 16.44 3.89
CA ALA B 418 1.29 15.06 4.41
C ALA B 418 0.74 15.01 5.84
N LEU B 419 1.14 15.97 6.66
CA LEU B 419 0.63 16.03 8.02
C LEU B 419 -0.87 16.25 8.03
N GLN B 420 -1.36 17.10 7.14
CA GLN B 420 -2.78 17.34 7.02
C GLN B 420 -3.50 16.13 6.41
N ASP B 421 -2.79 15.37 5.58
CA ASP B 421 -3.29 14.10 5.05
C ASP B 421 -3.48 13.08 6.19
N GLY B 422 -3.08 13.46 7.39
CA GLY B 422 -3.22 12.54 8.51
C GLY B 422 -2.04 11.61 8.69
N VAL B 423 -0.98 11.78 7.90
CA VAL B 423 0.23 10.99 8.12
C VAL B 423 0.84 11.37 9.46
N GLU B 424 1.36 10.37 10.17
CA GLU B 424 2.03 10.60 11.46
C GLU B 424 3.55 10.69 11.27
N ILE B 425 4.07 11.88 11.52
CA ILE B 425 5.46 12.19 11.26
C ILE B 425 6.09 12.71 12.57
N MET B 426 7.10 11.99 13.06
CA MET B 426 7.76 12.32 14.33
C MET B 426 8.65 13.56 14.25
N GLY B 427 9.25 13.78 13.09
CA GLY B 427 10.15 14.90 12.93
C GLY B 427 10.90 14.98 11.61
N TYR B 428 11.79 15.98 11.54
CA TYR B 428 12.57 16.28 10.36
C TYR B 428 13.99 16.69 10.77
N THR B 429 14.98 16.00 10.21
CA THR B 429 16.37 16.37 10.44
C THR B 429 17.09 16.63 9.12
N SER B 430 17.45 17.89 8.92
CA SER B 430 18.18 18.31 7.75
C SER B 430 19.49 17.54 7.68
N TRP B 431 19.80 16.95 6.54
CA TRP B 431 21.05 16.22 6.46
C TRP B 431 22.27 17.13 6.54
N GLY B 432 23.35 16.64 7.14
CA GLY B 432 24.60 17.37 7.19
C GLY B 432 24.39 18.81 7.61
N CYS B 433 23.65 19.00 8.70
CA CYS B 433 23.25 20.33 9.13
C CYS B 433 24.45 21.25 9.37
N ILE B 434 25.61 20.66 9.60
CA ILE B 434 26.87 21.37 9.55
C ILE B 434 27.74 20.65 8.54
N ASP B 435 28.34 21.38 7.60
CA ASP B 435 29.00 20.76 6.45
C ASP B 435 29.90 19.63 6.90
N CYS B 436 29.77 18.47 6.25
CA CYS B 436 30.51 17.27 6.64
C CYS B 436 31.19 16.63 5.43
N VAL B 437 31.89 15.53 5.68
CA VAL B 437 32.54 14.81 4.60
C VAL B 437 31.53 13.91 3.93
N SER B 438 31.29 14.13 2.65
CA SER B 438 30.33 13.32 1.91
C SER B 438 30.68 11.84 2.05
N MET B 439 29.65 11.00 2.15
CA MET B 439 29.85 9.57 2.24
C MET B 439 30.29 9.01 0.89
N SER B 440 29.71 9.56 -0.18
CA SER B 440 29.90 9.05 -1.53
C SER B 440 31.34 9.14 -2.02
N THR B 441 31.81 10.39 -2.13
CA THR B 441 33.18 10.69 -2.56
C THR B 441 34.15 11.09 -1.45
N ALA B 442 33.67 11.16 -0.21
CA ALA B 442 34.46 11.68 0.90
C ALA B 442 35.06 13.04 0.55
N GLN B 443 34.19 14.03 0.42
CA GLN B 443 34.59 15.36 -0.01
C GLN B 443 33.73 16.41 0.66
N LEU B 444 34.29 17.60 0.86
CA LEU B 444 33.57 18.70 1.48
C LEU B 444 32.98 19.76 0.53
N SER B 445 33.27 19.68 -0.77
CA SER B 445 32.87 20.77 -1.68
C SER B 445 31.37 20.78 -1.91
N LYS B 446 30.75 19.60 -1.82
CA LYS B 446 29.31 19.51 -1.97
C LYS B 446 28.76 19.62 -0.56
N ARG B 447 28.14 20.76 -0.28
CA ARG B 447 27.81 21.12 1.09
C ARG B 447 26.32 21.13 1.34
N TYR B 448 25.92 20.46 2.41
CA TYR B 448 24.52 20.39 2.80
C TYR B 448 24.14 21.35 3.92
N GLY B 449 25.12 21.93 4.58
CA GLY B 449 24.89 22.49 5.89
C GLY B 449 24.18 23.83 5.96
N LEU B 450 23.58 24.09 7.12
CA LEU B 450 23.20 25.43 7.52
C LEU B 450 24.40 26.15 8.12
N ILE B 451 25.46 25.39 8.40
CA ILE B 451 26.67 25.92 9.00
C ILE B 451 27.89 25.54 8.16
N TYR B 452 28.52 26.53 7.58
CA TYR B 452 29.68 26.35 6.73
C TYR B 452 30.87 26.06 7.61
N VAL B 453 31.65 25.06 7.23
CA VAL B 453 32.91 24.78 7.91
C VAL B 453 34.01 25.00 6.90
N ASP B 454 35.02 25.78 7.27
CA ASP B 454 36.06 26.09 6.30
C ASP B 454 37.13 25.03 6.40
N ARG B 455 37.02 24.08 5.46
CA ARG B 455 38.00 23.04 5.21
C ARG B 455 37.65 22.64 3.81
N ASN B 456 38.60 22.07 3.08
CA ASN B 456 38.40 21.87 1.66
C ASN B 456 38.96 20.52 1.26
N ASP B 457 38.67 20.09 0.04
CA ASP B 457 39.00 18.73 -0.39
C ASP B 457 40.45 18.34 -0.13
N ASP B 458 41.32 19.36 -0.08
CA ASP B 458 42.74 19.16 0.18
C ASP B 458 43.04 18.94 1.66
N GLY B 459 42.20 19.49 2.55
CA GLY B 459 42.42 19.39 3.99
C GLY B 459 42.85 20.71 4.63
N SER B 460 42.90 21.75 3.79
CA SER B 460 43.25 23.11 4.20
C SER B 460 42.11 23.81 4.94
N GLY B 461 42.46 24.92 5.60
CA GLY B 461 41.49 25.82 6.21
C GLY B 461 41.52 25.89 7.73
N THR B 462 40.86 26.91 8.27
CA THR B 462 40.77 27.14 9.71
C THR B 462 39.99 26.05 10.43
N LEU B 463 39.06 25.42 9.71
CA LEU B 463 38.02 24.59 10.29
C LEU B 463 37.12 25.46 11.17
N ASN B 464 37.08 26.75 10.81
CA ASN B 464 36.20 27.71 11.44
C ASN B 464 34.79 27.57 10.89
N ARG B 465 33.80 27.89 11.72
CA ARG B 465 32.38 27.74 11.34
C ARG B 465 31.69 29.09 11.11
N TYR B 466 30.77 29.12 10.15
CA TYR B 466 30.07 30.34 9.77
C TYR B 466 28.60 30.05 9.49
N LYS B 467 27.70 30.84 10.06
CA LYS B 467 26.28 30.67 9.79
C LYS B 467 26.01 31.10 8.35
N LYS B 468 25.46 30.19 7.56
CA LYS B 468 24.94 30.50 6.23
C LYS B 468 23.62 31.23 6.35
N MET B 469 23.22 31.91 5.28
CA MET B 469 21.95 32.61 5.27
C MET B 469 20.79 31.70 5.66
N SER B 470 20.90 30.41 5.30
CA SER B 470 19.85 29.43 5.58
C SER B 470 19.70 29.12 7.07
N PHE B 471 20.73 29.45 7.84
CA PHE B 471 20.78 29.22 9.29
C PHE B 471 19.66 29.96 10.01
N THR B 472 19.53 31.24 9.68
CA THR B 472 18.60 32.12 10.38
C THR B 472 17.19 31.77 9.99
N TRP B 473 17.04 31.46 8.70
CA TRP B 473 15.76 31.02 8.17
C TRP B 473 15.27 29.75 8.88
N TYR B 474 16.11 28.73 8.91
CA TYR B 474 15.72 27.45 9.51
C TYR B 474 15.47 27.66 11.00
N LYS B 475 16.19 28.62 11.59
CA LYS B 475 15.95 29.02 12.97
C LYS B 475 14.51 29.53 13.16
N GLU B 476 14.09 30.43 12.28
CA GLU B 476 12.73 30.99 12.35
C GLU B 476 11.72 29.88 12.16
N VAL B 477 12.03 28.94 11.28
CA VAL B 477 11.13 27.82 11.05
C VAL B 477 10.97 26.99 12.30
N ILE B 478 12.09 26.50 12.83
CA ILE B 478 12.08 25.63 14.01
C ILE B 478 11.45 26.33 15.20
N GLU B 479 11.71 27.61 15.34
CA GLU B 479 11.23 28.33 16.52
C GLU B 479 9.76 28.71 16.39
N SER B 480 9.26 28.78 15.17
CA SER B 480 7.82 28.98 14.95
C SER B 480 7.05 27.65 14.85
N ASN B 481 7.79 26.54 14.93
CA ASN B 481 7.22 25.21 14.75
C ASN B 481 6.50 25.07 13.42
N GLY B 482 7.10 25.64 12.38
CA GLY B 482 6.63 25.47 11.02
C GLY B 482 5.71 26.56 10.53
N GLU B 483 5.15 27.32 11.47
CA GLU B 483 4.17 28.34 11.12
C GLU B 483 4.73 29.45 10.23
N SER B 484 6.05 29.62 10.22
CA SER B 484 6.65 30.66 9.40
C SER B 484 6.82 30.19 7.96
N LEU B 485 6.45 28.93 7.72
CA LEU B 485 6.48 28.39 6.37
C LEU B 485 5.35 29.00 5.56
N PHE B 486 4.29 29.40 6.25
CA PHE B 486 3.12 29.97 5.59
C PHE B 486 3.09 31.49 5.75
C1 SGC C . -20.58 1.55 -11.18
O1 SGC C . -20.91 2.82 -11.51
C2 SGC C . -21.51 1.08 -10.10
O2 SGC C . -21.30 1.88 -8.90
C3 SGC C . -21.35 -0.28 -9.80
O3 SGC C . -22.38 -0.70 -8.88
C4 SGC C . -21.39 -1.16 -10.99
C5 SGC C . -20.51 -0.68 -12.11
O5 SGC C . -20.63 0.69 -12.37
C6 SGC C . -20.85 -1.43 -13.40
O6 SGC C . -19.83 -1.74 -14.28
S4 SGC C . -20.97 -2.86 -10.47
OAH RTG C . -24.88 -3.09 -15.45
PBA RTG C . -24.13 -4.18 -16.19
OAI RTG C . -24.00 -3.79 -17.65
OAJ RTG C . -24.92 -5.46 -16.07
O6 RTG C . -22.70 -4.39 -15.59
C6 RTG C . -22.56 -5.00 -14.37
C5 RTG C . -23.37 -4.39 -13.25
O5 RTG C . -22.56 -3.52 -12.50
C4 RTG C . -24.12 -5.47 -12.46
O4 RTG C . -24.32 -6.58 -13.34
C3 RTG C . -23.55 -5.90 -11.24
O3 RTG C . -24.66 -6.44 -10.40
C2 RTG C . -22.87 -4.87 -10.53
O2 RTG C . -22.15 -5.40 -9.39
C1 RTG C . -21.90 -4.11 -11.41
C1 SGC D . 23.58 5.72 -3.12
O1 SGC D . 24.77 5.37 -3.63
C2 SGC D . 23.69 5.91 -1.61
O2 SGC D . 23.15 4.75 -0.90
C3 SGC D . 23.03 7.06 -1.21
O3 SGC D . 23.09 7.20 0.23
C4 SGC D . 23.65 8.24 -1.84
C5 SGC D . 23.58 8.15 -3.34
O5 SGC D . 23.06 6.92 -3.81
C6 SGC D . 24.95 8.40 -3.96
O6 SGC D . 25.03 9.38 -4.96
S4 SGC D . 22.83 9.75 -1.25
OAH RTG D . 26.08 11.76 -2.53
PBA RTG D . 26.11 12.95 -1.60
OAI RTG D . 24.75 13.17 -0.98
OAJ RTG D . 26.48 14.17 -2.40
O6 RTG D . 27.18 12.72 -0.47
C6 RTG D . 27.38 11.46 0.04
C5 RTG D . 26.17 10.70 0.56
O5 RTG D . 25.26 10.51 -0.48
C4 RTG D . 25.58 11.45 1.76
O4 RTG D . 25.38 12.81 1.39
C3 RTG D . 24.36 10.92 2.24
O3 RTG D . 24.60 10.19 3.53
C2 RTG D . 23.74 10.05 1.32
O2 RTG D . 22.36 9.88 1.63
C1 RTG D . 23.91 10.59 -0.09
#